data_8GI1
#
_entry.id   8GI1
#
_entity_poly.entity_id   1
_entity_poly.type   'polypeptide(L)'
_entity_poly.pdbx_seq_one_letter_code
;MDYMELAKEAFSIICTFIAAYVAYYYAIKQLHQKSVENIEYAKYQAVLQAHKSLYKLLRFTTNTENEDSILIWEKTKDGK
QEATYYFRKENIRKFIKELSKEIYNEGCGIFMSKEALSLISEYRNIVYGFMLSAQNNPQETIRITNRESVERMKKIHQNL
SIEIRQAINLKKRDLRFENLYFQ
;
_entity_poly.pdbx_strand_id   A,B,C,D,E,F,G,H
#
# COMPACT_ATOMS: atom_id res chain seq x y z
N ALA A 19 -20.55 42.77 13.55
CA ALA A 19 -20.27 41.40 13.98
C ALA A 19 -20.75 40.39 12.93
N ALA A 20 -21.95 40.59 12.43
CA ALA A 20 -22.52 39.69 11.43
C ALA A 20 -21.66 39.68 10.17
N TYR A 21 -21.21 40.86 9.76
CA TYR A 21 -20.38 40.96 8.56
C TYR A 21 -19.08 40.20 8.75
N VAL A 22 -18.48 40.33 9.93
CA VAL A 22 -17.24 39.63 10.24
C VAL A 22 -17.46 38.10 10.24
N ALA A 23 -18.61 37.68 10.76
CA ALA A 23 -18.96 36.27 10.83
C ALA A 23 -18.86 35.55 9.49
N TYR A 24 -19.65 36.00 8.52
CA TYR A 24 -19.67 35.39 7.21
C TYR A 24 -18.34 35.64 6.49
N TYR A 25 -17.77 36.84 6.68
CA TYR A 25 -16.46 37.18 6.11
C TYR A 25 -15.41 36.29 6.77
N TYR A 26 -15.56 36.12 8.09
CA TYR A 26 -14.69 35.27 8.87
C TYR A 26 -14.85 33.84 8.37
N ALA A 27 -16.07 33.41 8.08
CA ALA A 27 -16.30 32.08 7.56
C ALA A 27 -15.59 31.90 6.22
N ILE A 28 -15.68 32.88 5.32
CA ILE A 28 -14.98 32.70 4.04
C ILE A 28 -13.47 32.61 4.25
N LYS A 29 -12.93 33.42 5.17
CA LYS A 29 -11.49 33.36 5.45
C LYS A 29 -11.07 32.01 6.03
N GLN A 30 -11.93 31.47 6.90
CA GLN A 30 -11.70 30.22 7.63
C GLN A 30 -11.70 28.91 6.83
N LEU A 31 -12.84 28.52 6.27
CA LEU A 31 -12.93 27.28 5.53
C LEU A 31 -11.89 27.23 4.43
N HIS A 32 -11.81 28.36 3.72
CA HIS A 32 -10.96 28.60 2.59
C HIS A 32 -9.60 28.20 3.02
N GLN A 33 -9.20 28.69 4.17
CA GLN A 33 -7.96 28.24 4.72
C GLN A 33 -7.93 26.73 4.87
N LYS A 34 -9.05 26.10 5.24
CA LYS A 34 -9.10 24.61 5.36
C LYS A 34 -8.54 23.79 4.16
N SER A 35 -8.97 24.12 2.93
CA SER A 35 -8.41 23.42 1.77
C SER A 35 -6.94 23.76 1.66
N VAL A 36 -6.57 25.02 1.89
CA VAL A 36 -5.18 25.44 1.85
C VAL A 36 -4.38 24.77 2.96
N GLU A 37 -4.96 24.53 4.13
CA GLU A 37 -4.19 23.80 5.13
C GLU A 37 -3.96 22.39 4.63
N ASN A 38 -4.94 21.76 4.01
CA ASN A 38 -4.68 20.42 3.48
C ASN A 38 -3.51 20.34 2.47
N ILE A 39 -3.57 21.10 1.39
CA ILE A 39 -2.54 21.17 0.40
C ILE A 39 -1.20 21.48 1.04
N GLU A 40 -1.14 22.41 2.00
CA GLU A 40 0.12 22.68 2.66
C GLU A 40 0.67 21.38 3.25
N TYR A 41 -0.19 20.57 3.85
CA TYR A 41 0.23 19.29 4.36
C TYR A 41 0.84 18.41 3.28
N ALA A 42 0.15 18.26 2.13
CA ALA A 42 0.67 17.41 1.06
C ALA A 42 2.02 17.88 0.57
N LYS A 43 2.21 19.18 0.47
CA LYS A 43 3.49 19.64 0.02
C LYS A 43 4.54 19.36 1.07
N TYR A 44 4.21 19.57 2.35
CA TYR A 44 5.18 19.29 3.40
C TYR A 44 5.68 17.88 3.32
N GLN A 45 4.77 16.93 3.16
CA GLN A 45 5.22 15.56 3.13
C GLN A 45 6.19 15.33 1.97
N ALA A 46 5.94 15.94 0.81
CA ALA A 46 6.87 15.79 -0.30
C ALA A 46 8.23 16.40 0.01
N VAL A 47 8.23 17.53 0.73
CA VAL A 47 9.47 18.22 1.08
C VAL A 47 10.24 17.35 2.04
N LEU A 48 9.57 16.75 2.99
CA LEU A 48 10.23 15.92 3.96
C LEU A 48 10.94 14.77 3.28
N GLN A 49 10.30 14.13 2.30
CA GLN A 49 10.98 13.04 1.60
C GLN A 49 12.14 13.54 0.74
N ALA A 50 11.96 14.69 0.07
CA ALA A 50 13.01 15.21 -0.79
C ALA A 50 14.27 15.52 -0.02
N HIS A 51 14.13 16.06 1.19
CA HIS A 51 15.31 16.34 2.00
C HIS A 51 15.84 15.08 2.68
N LYS A 52 14.97 14.16 3.07
CA LYS A 52 15.46 12.93 3.71
C LYS A 52 16.45 12.23 2.79
N SER A 53 16.15 12.22 1.50
CA SER A 53 17.01 11.57 0.50
C SER A 53 18.20 12.42 0.06
N LEU A 54 18.23 13.69 0.44
CA LEU A 54 19.31 14.55 0.01
C LEU A 54 20.42 14.48 1.02
N TYR A 55 20.04 14.36 2.28
CA TYR A 55 20.96 14.36 3.40
C TYR A 55 22.11 13.39 3.21
N LYS A 56 21.87 12.21 2.67
CA LYS A 56 22.93 11.23 2.51
C LYS A 56 24.11 11.75 1.68
N LEU A 57 23.86 12.74 0.85
CA LEU A 57 24.86 13.31 -0.03
C LEU A 57 25.93 14.01 0.79
N LEU A 58 25.58 14.41 2.01
CA LEU A 58 26.47 15.12 2.90
C LEU A 58 27.57 14.26 3.41
N ARG A 59 27.48 12.94 3.29
CA ARG A 59 28.60 12.18 3.82
C ARG A 59 29.88 12.56 3.07
N PHE A 60 29.76 13.00 1.82
CA PHE A 60 30.93 13.33 1.03
C PHE A 60 31.59 14.63 1.48
N THR A 61 30.84 15.45 2.18
CA THR A 61 31.33 16.76 2.53
C THR A 61 31.75 16.81 3.99
N THR A 62 31.73 15.67 4.68
CA THR A 62 32.03 15.66 6.10
C THR A 62 33.45 16.09 6.44
N ASN A 63 33.59 16.66 7.63
CA ASN A 63 34.87 17.09 8.17
C ASN A 63 35.44 16.06 9.15
N THR A 64 34.84 14.87 9.14
CA THR A 64 35.25 13.75 9.96
C THR A 64 35.71 12.64 9.04
N GLU A 65 36.34 11.61 9.58
CA GLU A 65 36.72 10.54 8.67
C GLU A 65 35.50 9.69 8.42
N ASN A 66 35.51 9.00 7.28
CA ASN A 66 34.39 8.17 6.87
C ASN A 66 34.90 7.04 6.00
N GLU A 67 33.97 6.19 5.55
CA GLU A 67 34.27 5.07 4.66
C GLU A 67 34.81 5.56 3.33
N ASP A 68 34.28 6.68 2.88
CA ASP A 68 34.66 7.29 1.62
C ASP A 68 35.17 8.73 1.78
N SER A 69 34.29 9.70 1.92
CA SER A 69 34.64 11.14 1.98
C SER A 69 35.30 11.61 0.71
N ILE A 70 35.60 12.88 0.69
CA ILE A 70 36.33 13.52 -0.39
C ILE A 70 37.68 13.91 0.07
N LEU A 71 37.72 14.51 1.24
CA LEU A 71 38.96 15.01 1.78
C LEU A 71 39.36 14.13 2.97
N ILE A 72 40.68 13.84 3.09
CA ILE A 72 41.23 13.10 4.24
C ILE A 72 42.17 13.96 5.09
N TRP A 73 41.93 13.96 6.40
CA TRP A 73 42.70 14.75 7.37
C TRP A 73 44.00 14.11 7.81
N GLU A 74 45.06 14.92 7.86
CA GLU A 74 46.38 14.45 8.28
C GLU A 74 47.18 15.54 8.98
N LYS A 75 47.90 15.17 10.02
CA LYS A 75 48.71 16.11 10.78
C LYS A 75 49.80 15.39 11.57
N TYR A 85 48.49 18.68 4.32
CA TYR A 85 47.60 17.54 4.45
C TYR A 85 46.34 17.72 3.57
N TYR A 86 45.15 17.38 4.05
CA TYR A 86 43.90 17.53 3.29
C TYR A 86 43.99 16.97 1.89
N PHE A 87 44.24 15.68 1.79
CA PHE A 87 44.43 15.12 0.46
C PHE A 87 43.08 14.85 -0.16
N ARG A 88 42.94 15.14 -1.45
CA ARG A 88 41.71 14.81 -2.15
C ARG A 88 41.71 13.36 -2.59
N LYS A 89 40.54 12.77 -2.61
CA LYS A 89 40.35 11.43 -3.13
C LYS A 89 39.64 11.44 -4.47
N GLU A 90 39.68 10.32 -5.16
CA GLU A 90 39.04 10.22 -6.46
C GLU A 90 37.56 9.90 -6.32
N ASN A 91 37.10 9.90 -5.07
CA ASN A 91 35.70 9.69 -4.68
C ASN A 91 34.87 10.86 -5.14
N ILE A 92 35.53 11.90 -5.64
CA ILE A 92 34.85 13.02 -6.24
C ILE A 92 33.97 12.48 -7.34
N ARG A 93 34.38 11.43 -8.06
CA ARG A 93 33.52 10.90 -9.09
C ARG A 93 32.22 10.35 -8.50
N LYS A 94 32.26 9.77 -7.30
CA LYS A 94 31.07 9.22 -6.69
C LYS A 94 30.17 10.36 -6.31
N PHE A 95 30.77 11.44 -5.80
CA PHE A 95 30.01 12.62 -5.41
C PHE A 95 29.25 13.20 -6.57
N ILE A 96 29.91 13.38 -7.71
CA ILE A 96 29.23 13.99 -8.84
C ILE A 96 28.09 13.10 -9.29
N LYS A 97 28.28 11.78 -9.35
CA LYS A 97 27.19 10.93 -9.78
C LYS A 97 26.02 10.94 -8.79
N GLU A 98 26.30 10.94 -7.48
CA GLU A 98 25.21 10.95 -6.51
C GLU A 98 24.49 12.28 -6.58
N LEU A 99 25.23 13.36 -6.83
CA LEU A 99 24.67 14.68 -6.93
C LEU A 99 23.68 14.78 -8.07
N SER A 100 24.05 14.27 -9.25
CA SER A 100 23.14 14.33 -10.39
C SER A 100 21.86 13.57 -10.12
N LYS A 101 21.99 12.38 -9.53
CA LYS A 101 20.81 11.61 -9.25
C LYS A 101 19.88 12.29 -8.26
N GLU A 102 20.43 12.87 -7.20
CA GLU A 102 19.52 13.43 -6.22
C GLU A 102 18.88 14.74 -6.66
N ILE A 103 19.63 15.59 -7.35
CA ILE A 103 19.04 16.87 -7.71
C ILE A 103 18.05 16.73 -8.84
N TYR A 104 18.38 15.97 -9.88
CA TYR A 104 17.46 15.87 -10.99
C TYR A 104 16.68 14.59 -11.07
N ASN A 105 17.34 13.43 -11.08
CA ASN A 105 16.54 12.21 -11.36
C ASN A 105 15.49 11.90 -10.31
N GLU A 106 15.79 12.20 -9.06
CA GLU A 106 14.86 11.95 -7.97
C GLU A 106 13.95 13.15 -7.68
N GLY A 107 14.14 14.24 -8.42
CA GLY A 107 13.35 15.45 -8.27
C GLY A 107 13.63 16.31 -7.04
N CYS A 108 14.77 16.15 -6.35
CA CYS A 108 14.96 16.93 -5.14
C CYS A 108 15.00 18.42 -5.39
N GLY A 109 15.53 18.84 -6.54
CA GLY A 109 15.71 20.23 -6.89
C GLY A 109 14.45 21.08 -6.75
N ILE A 110 13.27 20.47 -6.84
CA ILE A 110 12.01 21.18 -6.71
C ILE A 110 11.73 21.69 -5.30
N PHE A 111 12.05 20.88 -4.30
CA PHE A 111 11.66 21.13 -2.94
C PHE A 111 12.74 21.71 -2.07
N MET A 112 13.83 22.10 -2.69
CA MET A 112 14.93 22.67 -1.95
C MET A 112 15.10 24.11 -2.34
N SER A 113 15.56 24.89 -1.38
CA SER A 113 15.76 26.31 -1.51
C SER A 113 16.90 26.71 -2.39
N LYS A 114 16.89 27.96 -2.81
CA LYS A 114 17.96 28.50 -3.61
C LYS A 114 19.26 28.50 -2.87
N GLU A 115 19.22 28.70 -1.56
CA GLU A 115 20.43 28.70 -0.78
C GLU A 115 21.04 27.31 -0.77
N ALA A 116 20.23 26.27 -0.61
CA ALA A 116 20.79 24.93 -0.62
C ALA A 116 21.42 24.62 -1.95
N LEU A 117 20.77 25.04 -3.04
CA LEU A 117 21.33 24.78 -4.36
C LEU A 117 22.59 25.57 -4.62
N SER A 118 22.65 26.81 -4.15
CA SER A 118 23.84 27.61 -4.34
C SER A 118 25.02 26.99 -3.62
N LEU A 119 24.82 26.53 -2.37
CA LEU A 119 25.90 25.92 -1.61
C LEU A 119 26.39 24.63 -2.25
N ILE A 120 25.48 23.83 -2.78
CA ILE A 120 25.89 22.62 -3.44
C ILE A 120 26.66 22.94 -4.69
N SER A 121 26.18 23.90 -5.48
CA SER A 121 26.86 24.27 -6.71
C SER A 121 28.27 24.75 -6.45
N GLU A 122 28.47 25.60 -5.44
CA GLU A 122 29.82 26.04 -5.16
C GLU A 122 30.71 24.88 -4.78
N TYR A 123 30.21 23.98 -3.92
CA TYR A 123 31.01 22.86 -3.51
C TYR A 123 31.43 22.07 -4.72
N ARG A 124 30.45 21.79 -5.60
CA ARG A 124 30.70 21.00 -6.79
C ARG A 124 31.81 21.60 -7.59
N ASN A 125 31.80 22.91 -7.77
CA ASN A 125 32.83 23.52 -8.57
C ASN A 125 34.21 23.45 -7.91
N ILE A 126 34.27 23.43 -6.59
CA ILE A 126 35.57 23.33 -5.94
C ILE A 126 36.17 21.95 -6.19
N VAL A 127 35.38 20.90 -5.98
CA VAL A 127 35.92 19.55 -6.16
C VAL A 127 36.10 19.19 -7.63
N TYR A 128 35.22 19.69 -8.48
CA TYR A 128 35.31 19.45 -9.89
C TYR A 128 36.58 20.10 -10.40
N GLY A 129 36.81 21.34 -9.99
CA GLY A 129 37.99 22.07 -10.41
C GLY A 129 39.25 21.31 -10.05
N PHE A 130 39.26 20.73 -8.85
CA PHE A 130 40.41 19.96 -8.38
C PHE A 130 40.72 18.83 -9.35
N MET A 131 39.68 18.10 -9.75
CA MET A 131 39.87 16.99 -10.66
C MET A 131 40.36 17.46 -12.02
N LEU A 132 39.88 18.63 -12.47
CA LEU A 132 40.30 19.17 -13.75
C LEU A 132 41.77 19.52 -13.70
N SER A 133 42.25 20.02 -12.56
CA SER A 133 43.66 20.33 -12.44
C SER A 133 44.49 19.05 -12.43
N ALA A 134 43.98 18.00 -11.79
CA ALA A 134 44.74 16.75 -11.68
C ALA A 134 45.09 16.17 -13.05
N GLN A 135 44.18 16.23 -14.02
CA GLN A 135 44.50 15.70 -15.35
C GLN A 135 45.10 14.31 -15.27
N ASN A 136 46.39 14.19 -15.59
CA ASN A 136 47.08 12.91 -15.60
C ASN A 136 47.50 12.65 -14.18
N ASN A 137 46.49 12.38 -13.38
CA ASN A 137 46.56 12.25 -11.96
C ASN A 137 47.60 11.22 -11.54
N PRO A 138 48.64 11.60 -10.78
CA PRO A 138 49.69 10.72 -10.31
C PRO A 138 49.23 9.90 -9.13
N GLN A 139 48.28 9.00 -9.40
CA GLN A 139 47.62 8.13 -8.43
C GLN A 139 46.63 8.91 -7.59
N GLU A 140 45.96 8.24 -6.68
CA GLU A 140 44.95 8.90 -5.86
C GLU A 140 45.62 9.59 -4.69
N THR A 141 44.82 10.26 -3.86
CA THR A 141 45.33 10.92 -2.66
C THR A 141 46.32 12.03 -2.99
N ILE A 142 45.79 13.18 -3.44
CA ILE A 142 46.62 14.32 -3.83
C ILE A 142 46.52 15.51 -2.86
N ARG A 143 47.66 15.98 -2.38
CA ARG A 143 47.72 17.06 -1.38
C ARG A 143 47.18 18.38 -1.87
N ILE A 144 46.49 19.10 -0.98
CA ILE A 144 46.01 20.42 -1.35
C ILE A 144 46.86 21.46 -0.68
N THR A 145 47.47 22.32 -1.49
CA THR A 145 48.38 23.31 -0.95
C THR A 145 47.74 24.68 -0.71
N ASN A 146 46.58 24.95 -1.34
CA ASN A 146 45.91 26.22 -1.13
C ASN A 146 44.78 26.01 -0.13
N ARG A 147 45.02 26.41 1.11
CA ARG A 147 44.10 26.14 2.21
C ARG A 147 42.79 26.89 2.14
N GLU A 148 42.67 27.85 1.23
CA GLU A 148 41.42 28.56 1.12
C GLU A 148 40.33 27.59 0.65
N SER A 149 40.69 26.63 -0.22
CA SER A 149 39.69 25.71 -0.73
C SER A 149 39.26 24.77 0.38
N VAL A 150 40.20 24.41 1.23
CA VAL A 150 39.91 23.49 2.31
C VAL A 150 38.98 24.13 3.32
N GLU A 151 39.26 25.36 3.69
CA GLU A 151 38.43 26.03 4.65
C GLU A 151 37.06 26.35 4.06
N ARG A 152 36.99 26.66 2.76
CA ARG A 152 35.70 26.96 2.20
C ARG A 152 34.85 25.71 2.13
N MET A 153 35.44 24.56 1.79
CA MET A 153 34.64 23.35 1.76
C MET A 153 34.07 23.03 3.12
N LYS A 154 34.86 23.21 4.19
CA LYS A 154 34.32 22.95 5.51
C LYS A 154 33.18 23.88 5.86
N LYS A 155 33.30 25.16 5.49
CA LYS A 155 32.23 26.10 5.80
C LYS A 155 30.98 25.75 5.03
N ILE A 156 31.11 25.29 3.78
CA ILE A 156 29.93 24.90 3.04
C ILE A 156 29.31 23.72 3.73
N HIS A 157 30.08 22.74 4.16
CA HIS A 157 29.46 21.62 4.85
C HIS A 157 28.59 22.10 5.99
N GLN A 158 29.09 23.01 6.82
CA GLN A 158 28.27 23.45 7.94
C GLN A 158 27.03 24.21 7.48
N ASN A 159 27.16 25.07 6.48
CA ASN A 159 26.01 25.84 6.06
C ASN A 159 24.96 24.98 5.37
N LEU A 160 25.41 23.98 4.63
CA LEU A 160 24.52 23.12 3.90
C LEU A 160 23.83 22.17 4.84
N SER A 161 24.55 21.67 5.84
CA SER A 161 23.96 20.77 6.81
C SER A 161 22.84 21.46 7.54
N ILE A 162 23.04 22.73 7.91
CA ILE A 162 22.00 23.49 8.58
C ILE A 162 20.84 23.78 7.64
N GLU A 163 21.12 24.19 6.40
CA GLU A 163 20.03 24.52 5.50
C GLU A 163 19.16 23.30 5.20
N ILE A 164 19.76 22.12 5.08
CA ILE A 164 18.95 20.93 4.86
C ILE A 164 18.18 20.60 6.12
N ARG A 165 18.84 20.62 7.28
CA ARG A 165 18.20 20.28 8.54
C ARG A 165 17.00 21.15 8.87
N GLN A 166 17.05 22.43 8.55
CA GLN A 166 15.95 23.32 8.86
C GLN A 166 14.87 23.35 7.79
N ALA A 167 15.05 22.65 6.69
CA ALA A 167 14.12 22.68 5.57
C ALA A 167 12.75 22.18 5.96
N ILE A 168 12.72 21.28 6.91
CA ILE A 168 11.50 20.64 7.36
C ILE A 168 11.15 21.01 8.78
N ASN A 169 11.77 22.06 9.32
CA ASN A 169 11.60 22.43 10.72
C ASN A 169 10.91 23.77 10.94
N LEU A 170 10.03 24.17 10.04
CA LEU A 170 9.39 25.49 10.18
C LEU A 170 7.99 25.54 10.84
N LYS A 171 7.47 24.40 11.35
CA LYS A 171 6.16 24.27 12.00
C LYS A 171 6.37 23.72 13.41
N ALA B 19 -14.78 39.32 25.23
CA ALA B 19 -14.52 38.01 24.68
C ALA B 19 -14.68 38.02 23.16
N ALA B 20 -15.37 39.04 22.65
CA ALA B 20 -15.60 39.15 21.21
C ALA B 20 -14.28 39.29 20.46
N TYR B 21 -13.37 40.08 21.02
CA TYR B 21 -12.07 40.28 20.39
C TYR B 21 -11.31 38.97 20.32
N VAL B 22 -11.35 38.19 21.40
CA VAL B 22 -10.68 36.91 21.44
C VAL B 22 -11.29 35.92 20.44
N ALA B 23 -12.62 35.99 20.30
CA ALA B 23 -13.37 35.10 19.42
C ALA B 23 -12.77 34.93 18.01
N TYR B 24 -12.70 36.02 17.25
CA TYR B 24 -12.19 35.95 15.88
C TYR B 24 -10.69 35.66 15.86
N TYR B 25 -9.92 36.42 16.63
CA TYR B 25 -8.47 36.22 16.71
C TYR B 25 -8.20 34.84 17.30
N TYR B 26 -8.94 34.47 18.32
CA TYR B 26 -8.78 33.17 18.95
C TYR B 26 -9.09 32.09 17.92
N ALA B 27 -10.15 32.26 17.15
CA ALA B 27 -10.51 31.28 16.14
C ALA B 27 -9.41 31.13 15.09
N ILE B 28 -8.85 32.25 14.63
CA ILE B 28 -7.77 32.15 13.63
C ILE B 28 -6.55 31.44 14.21
N LYS B 29 -6.24 31.73 15.48
CA LYS B 29 -5.11 31.08 16.15
C LYS B 29 -5.35 29.58 16.26
N GLN B 30 -6.59 29.20 16.57
CA GLN B 30 -7.00 27.82 16.73
C GLN B 30 -6.91 27.02 15.44
N LEU B 31 -7.53 27.50 14.36
CA LEU B 31 -7.47 26.75 13.13
C LEU B 31 -6.03 26.60 12.66
N HIS B 32 -5.34 27.74 12.72
CA HIS B 32 -3.98 27.93 12.29
C HIS B 32 -3.20 26.85 12.94
N GLN B 33 -3.40 26.70 14.23
CA GLN B 33 -2.80 25.60 14.91
C GLN B 33 -3.19 24.28 14.28
N LYS B 34 -4.46 24.11 13.91
CA LYS B 34 -4.98 22.84 13.29
C LYS B 34 -4.06 22.05 12.32
N SER B 35 -3.71 22.66 11.21
CA SER B 35 -2.76 21.96 10.34
C SER B 35 -1.34 21.97 10.86
N VAL B 36 -0.97 22.87 11.76
CA VAL B 36 0.37 22.81 12.38
C VAL B 36 0.34 21.57 13.26
N GLU B 37 -0.77 21.23 13.92
CA GLU B 37 -0.81 19.94 14.59
C GLU B 37 -0.71 18.87 13.52
N ASN B 38 -1.38 19.00 12.38
CA ASN B 38 -1.17 18.00 11.32
C ASN B 38 0.32 17.75 10.91
N ILE B 39 1.00 18.77 10.40
CA ILE B 39 2.40 18.70 10.08
C ILE B 39 3.20 18.15 11.24
N GLU B 40 2.92 18.58 12.48
CA GLU B 40 3.65 18.03 13.60
C GLU B 40 3.49 16.53 13.62
N TYR B 41 2.29 16.03 13.33
CA TYR B 41 2.06 14.61 13.24
C TYR B 41 2.96 13.95 12.20
N ALA B 42 3.00 14.50 10.98
CA ALA B 42 3.81 13.92 9.92
C ALA B 42 5.28 13.86 10.29
N LYS B 43 5.78 14.90 10.95
CA LYS B 43 7.16 14.85 11.32
C LYS B 43 7.35 13.81 12.39
N TYR B 44 6.45 13.72 13.37
CA TYR B 44 6.60 12.71 14.42
C TYR B 44 6.73 11.35 13.82
N GLN B 45 5.88 11.00 12.86
CA GLN B 45 5.96 9.66 12.33
C GLN B 45 7.33 9.42 11.68
N ALA B 46 7.89 10.42 11.00
CA ALA B 46 9.22 10.24 10.43
C ALA B 46 10.28 10.05 11.50
N VAL B 47 10.14 10.76 12.63
CA VAL B 47 11.09 10.66 13.72
C VAL B 47 11.01 9.28 14.32
N LEU B 48 9.81 8.77 14.49
CA LEU B 48 9.63 7.47 15.07
C LEU B 48 10.33 6.42 14.24
N GLN B 49 10.21 6.48 12.91
CA GLN B 49 10.91 5.50 12.09
C GLN B 49 12.42 5.69 12.12
N ALA B 50 12.90 6.94 12.12
CA ALA B 50 14.32 7.19 12.12
C ALA B 50 14.98 6.64 13.35
N HIS B 51 14.34 6.74 14.51
CA HIS B 51 14.91 6.20 15.72
C HIS B 51 14.69 4.69 15.83
N LYS B 52 13.57 4.17 15.31
CA LYS B 52 13.35 2.73 15.37
C LYS B 52 14.49 2.00 14.68
N SER B 53 14.97 2.55 13.56
CA SER B 53 16.06 1.95 12.81
C SER B 53 17.43 2.28 13.35
N LEU B 54 17.54 3.18 14.31
CA LEU B 54 18.83 3.57 14.83
C LEU B 54 19.16 2.69 15.99
N TYR B 55 18.14 2.36 16.76
CA TYR B 55 18.28 1.57 17.98
C TYR B 55 19.10 0.32 17.78
N LYS B 56 18.94 -0.39 16.67
CA LYS B 56 19.68 -1.63 16.46
C LYS B 56 21.19 -1.45 16.54
N LEU B 57 21.67 -0.24 16.30
CA LEU B 57 23.07 0.08 16.30
C LEU B 57 23.64 -0.10 17.69
N LEU B 58 22.78 0.01 18.70
CA LEU B 58 23.17 -0.09 20.10
C LEU B 58 23.59 -1.46 20.47
N ARG B 59 23.30 -2.48 19.68
CA ARG B 59 23.75 -3.78 20.13
C ARG B 59 25.26 -3.79 20.24
N PHE B 60 25.97 -2.97 19.46
CA PHE B 60 27.41 -2.96 19.46
C PHE B 60 27.97 -2.32 20.71
N THR B 61 27.18 -1.52 21.39
CA THR B 61 27.66 -0.76 22.51
C THR B 61 27.21 -1.38 23.82
N THR B 62 26.58 -2.54 23.77
CA THR B 62 26.04 -3.16 24.98
C THR B 62 27.09 -3.54 26.00
N ASN B 63 26.68 -3.51 27.27
CA ASN B 63 27.51 -3.91 28.38
C ASN B 63 27.21 -5.33 28.84
N THR B 64 26.48 -6.05 28.01
CA THR B 64 26.12 -7.44 28.23
C THR B 64 26.74 -8.27 27.13
N GLU B 65 26.74 -9.57 27.27
CA GLU B 65 27.30 -10.35 26.18
C GLU B 65 26.27 -10.43 25.07
N ASN B 66 26.74 -10.63 23.85
CA ASN B 66 25.88 -10.70 22.69
C ASN B 66 26.53 -11.58 21.63
N GLU B 67 25.85 -11.74 20.50
CA GLU B 67 26.32 -12.51 19.36
C GLU B 67 27.59 -11.92 18.79
N ASP B 68 27.65 -10.59 18.81
CA ASP B 68 28.77 -9.85 18.28
C ASP B 68 29.42 -8.92 19.34
N SER B 69 28.85 -7.76 19.61
CA SER B 69 29.40 -6.75 20.51
C SER B 69 30.73 -6.24 20.02
N ILE B 70 31.27 -5.31 20.77
CA ILE B 70 32.59 -4.73 20.54
C ILE B 70 33.51 -5.17 21.62
N LEU B 71 33.04 -5.07 22.83
CA LEU B 71 33.84 -5.38 23.98
C LEU B 71 33.34 -6.68 24.61
N ILE B 72 34.27 -7.55 25.05
CA ILE B 72 33.94 -8.79 25.78
C ILE B 72 34.41 -8.76 27.24
N TRP B 73 33.50 -9.09 28.16
CA TRP B 73 33.77 -9.08 29.59
C TRP B 73 34.44 -10.34 30.12
N GLU B 74 35.45 -10.15 30.97
CA GLU B 74 36.18 -11.27 31.55
C GLU B 74 36.69 -10.95 32.95
N LYS B 75 36.59 -11.93 33.84
CA LYS B 75 37.04 -11.76 35.22
C LYS B 75 37.26 -13.12 35.89
N TYR B 85 40.97 -7.39 31.47
CA TYR B 85 39.93 -7.97 30.64
C TYR B 85 39.44 -6.98 29.58
N TYR B 86 38.13 -6.90 29.32
CA TYR B 86 37.58 -5.97 28.33
C TYR B 86 38.29 -6.02 26.99
N PHE B 87 38.27 -7.17 26.36
CA PHE B 87 39.01 -7.29 25.12
C PHE B 87 38.21 -6.70 23.99
N ARG B 88 38.87 -5.99 23.08
CA ARG B 88 38.18 -5.49 21.90
C ARG B 88 38.11 -6.56 20.83
N LYS B 89 37.04 -6.52 20.06
CA LYS B 89 36.87 -7.38 18.91
C LYS B 89 37.03 -6.61 17.61
N GLU B 90 37.21 -7.34 16.53
CA GLU B 90 37.38 -6.72 15.23
C GLU B 90 36.04 -6.38 14.60
N ASN B 91 34.97 -6.58 15.39
CA ASN B 91 33.59 -6.26 15.04
C ASN B 91 33.42 -4.77 14.97
N ILE B 92 34.47 -4.03 15.36
CA ILE B 92 34.48 -2.60 15.20
C ILE B 92 34.25 -2.28 13.74
N ARG B 93 34.76 -3.12 12.82
CA ARG B 93 34.50 -2.84 11.41
C ARG B 93 33.00 -2.92 11.09
N LYS B 94 32.26 -3.81 11.75
CA LYS B 94 30.85 -3.93 11.47
C LYS B 94 30.16 -2.69 12.00
N PHE B 95 30.60 -2.23 13.16
CA PHE B 95 30.03 -1.04 13.78
C PHE B 95 30.17 0.15 12.89
N ILE B 96 31.37 0.39 12.36
CA ILE B 96 31.57 1.55 11.52
C ILE B 96 30.70 1.48 10.29
N LYS B 97 30.60 0.32 9.65
CA LYS B 97 29.77 0.23 8.46
C LYS B 97 28.28 0.45 8.78
N GLU B 98 27.79 -0.10 9.90
CA GLU B 98 26.39 0.06 10.24
C GLU B 98 26.13 1.51 10.58
N LEU B 99 27.10 2.16 11.22
CA LEU B 99 26.98 3.55 11.59
C LEU B 99 26.84 4.45 10.38
N SER B 100 27.66 4.24 9.36
CA SER B 100 27.57 5.06 8.17
C SER B 100 26.22 4.91 7.49
N LYS B 101 25.75 3.67 7.39
CA LYS B 101 24.47 3.47 6.75
C LYS B 101 23.33 4.13 7.52
N GLU B 102 23.30 4.02 8.84
CA GLU B 102 22.17 4.58 9.52
C GLU B 102 22.17 6.09 9.61
N ILE B 103 23.34 6.69 9.80
CA ILE B 103 23.33 8.13 9.94
C ILE B 103 23.13 8.83 8.61
N TYR B 104 23.80 8.38 7.55
CA TYR B 104 23.64 9.07 6.29
C TYR B 104 22.78 8.37 5.27
N ASN B 105 23.05 7.13 4.93
CA ASN B 105 22.30 6.56 3.80
C ASN B 105 20.81 6.42 4.05
N GLU B 106 20.43 6.14 5.28
CA GLU B 106 19.03 5.99 5.64
C GLU B 106 18.40 7.30 6.13
N GLY B 107 19.20 8.36 6.18
CA GLY B 107 18.73 9.67 6.60
C GLY B 107 18.48 9.86 8.09
N CYS B 108 19.00 9.01 8.98
CA CYS B 108 18.66 9.16 10.38
C CYS B 108 19.14 10.48 10.95
N GLY B 109 20.29 10.96 10.49
CA GLY B 109 20.93 12.15 11.00
C GLY B 109 20.03 13.38 11.05
N ILE B 110 18.99 13.43 10.22
CA ILE B 110 18.05 14.54 10.19
C ILE B 110 17.17 14.63 11.42
N PHE B 111 16.71 13.48 11.91
CA PHE B 111 15.70 13.43 12.94
C PHE B 111 16.23 13.15 14.32
N MET B 112 17.52 13.18 14.46
CA MET B 112 18.13 12.93 15.73
C MET B 112 18.80 14.18 16.24
N SER B 113 18.82 14.31 17.55
CA SER B 113 19.36 15.45 18.24
C SER B 113 20.86 15.56 18.19
N LYS B 114 21.35 16.76 18.51
CA LYS B 114 22.78 16.99 18.57
C LYS B 114 23.42 16.17 19.66
N GLU B 115 22.70 15.92 20.75
CA GLU B 115 23.26 15.13 21.82
C GLU B 115 23.45 13.70 21.36
N ALA B 116 22.47 13.13 20.63
CA ALA B 116 22.65 11.77 20.17
C ALA B 116 23.82 11.67 19.22
N LEU B 117 23.99 12.66 18.35
CA LEU B 117 25.09 12.63 17.41
C LEU B 117 26.42 12.80 18.09
N SER B 118 26.49 13.65 19.11
CA SER B 118 27.73 13.86 19.84
C SER B 118 28.16 12.58 20.53
N LEU B 119 27.21 11.89 21.17
CA LEU B 119 27.53 10.65 21.87
C LEU B 119 28.00 9.57 20.91
N ILE B 120 27.38 9.48 19.75
CA ILE B 120 27.81 8.48 18.78
C ILE B 120 29.18 8.82 18.27
N SER B 121 29.44 10.09 17.97
CA SER B 121 30.73 10.50 17.47
C SER B 121 31.84 10.19 18.45
N GLU B 122 31.63 10.48 19.74
CA GLU B 122 32.67 10.16 20.70
C GLU B 122 32.92 8.67 20.75
N TYR B 123 31.86 7.86 20.75
CA TYR B 123 32.04 6.44 20.83
C TYR B 123 32.85 5.98 19.64
N ARG B 124 32.49 6.47 18.44
CA ARG B 124 33.17 6.09 17.23
C ARG B 124 34.64 6.36 17.34
N ASN B 125 35.01 7.51 17.85
CA ASN B 125 36.42 7.82 17.95
C ASN B 125 37.15 6.93 18.95
N ILE B 126 36.47 6.46 20.00
CA ILE B 126 37.16 5.58 20.94
C ILE B 126 37.47 4.24 20.28
N VAL B 127 36.49 3.66 19.59
CA VAL B 127 36.73 2.35 18.98
C VAL B 127 37.60 2.45 17.74
N TYR B 128 37.46 3.53 17.00
CA TYR B 128 38.25 3.75 15.81
C TYR B 128 39.69 3.89 16.25
N GLY B 129 39.94 4.70 17.28
CA GLY B 129 41.28 4.91 17.78
C GLY B 129 41.93 3.60 18.16
N PHE B 130 41.15 2.72 18.80
CA PHE B 130 41.66 1.42 19.21
C PHE B 130 42.20 0.64 18.01
N MET B 131 41.41 0.62 16.93
CA MET B 131 41.82 -0.07 15.73
C MET B 131 43.07 0.54 15.11
N LEU B 132 43.17 1.88 15.17
CA LEU B 132 44.34 2.55 14.62
C LEU B 132 45.57 2.17 15.41
N SER B 133 45.44 2.00 16.72
CA SER B 133 46.59 1.60 17.51
C SER B 133 46.98 0.16 17.20
N ALA B 134 45.98 -0.71 16.96
CA ALA B 134 46.27 -2.11 16.70
C ALA B 134 47.17 -2.31 15.48
N GLN B 135 46.98 -1.54 14.41
CA GLN B 135 47.85 -1.69 13.24
C GLN B 135 47.98 -3.15 12.83
N ASN B 136 49.18 -3.71 13.02
CA ASN B 136 49.46 -5.08 12.63
C ASN B 136 48.97 -5.96 13.76
N ASN B 137 47.66 -5.99 13.84
CA ASN B 137 46.90 -6.58 14.90
C ASN B 137 47.29 -8.04 15.11
N PRO B 138 47.80 -8.45 16.28
CA PRO B 138 48.21 -9.80 16.60
C PRO B 138 47.00 -10.66 16.92
N GLN B 139 46.19 -10.90 15.89
CA GLN B 139 44.93 -11.64 15.94
C GLN B 139 43.85 -10.83 16.61
N GLU B 140 42.66 -11.38 16.71
CA GLU B 140 41.55 -10.65 17.29
C GLU B 140 41.59 -10.76 18.80
N THR B 141 40.64 -10.11 19.48
CA THR B 141 40.54 -10.17 20.93
C THR B 141 41.76 -9.59 21.62
N ILE B 142 41.82 -8.25 21.65
CA ILE B 142 42.96 -7.53 22.25
C ILE B 142 42.62 -6.81 23.56
N ARG B 143 43.38 -7.09 24.61
CA ARG B 143 43.12 -6.54 25.95
C ARG B 143 43.23 -5.05 26.03
N ILE B 144 42.35 -4.42 26.82
CA ILE B 144 42.45 -2.98 27.02
C ILE B 144 43.00 -2.71 28.39
N THR B 145 44.12 -2.01 28.43
CA THR B 145 44.77 -1.75 29.70
C THR B 145 44.42 -0.40 30.33
N ASN B 146 43.91 0.53 29.54
CA ASN B 146 43.51 1.83 30.08
C ASN B 146 42.01 1.83 30.31
N ARG B 147 41.61 1.65 31.57
CA ARG B 147 40.21 1.49 31.93
C ARG B 147 39.35 2.71 31.75
N GLU B 148 39.95 3.85 31.49
CA GLU B 148 39.16 5.05 31.27
C GLU B 148 38.33 4.88 30.01
N SER B 149 38.88 4.20 28.99
CA SER B 149 38.15 4.04 27.75
C SER B 149 36.99 3.10 27.95
N VAL B 150 37.21 2.09 28.79
CA VAL B 150 36.18 1.10 29.06
C VAL B 150 35.02 1.72 29.79
N GLU B 151 35.32 2.50 30.81
CA GLU B 151 34.25 3.12 31.57
C GLU B 151 33.55 4.19 30.74
N ARG B 152 34.27 4.90 29.88
CA ARG B 152 33.60 5.91 29.11
C ARG B 152 32.68 5.27 28.08
N MET B 153 33.09 4.15 27.47
CA MET B 153 32.20 3.51 26.52
C MET B 153 30.92 3.06 27.20
N LYS B 154 31.02 2.51 28.41
CA LYS B 154 29.80 2.10 29.09
C LYS B 154 28.89 3.28 29.40
N LYS B 155 29.47 4.41 29.80
CA LYS B 155 28.65 5.56 30.12
C LYS B 155 27.96 6.07 28.85
N ILE B 156 28.66 6.04 27.72
CA ILE B 156 28.03 6.48 26.49
C ILE B 156 26.89 5.56 26.19
N HIS B 157 27.07 4.24 26.32
CA HIS B 157 25.95 3.36 26.05
C HIS B 157 24.72 3.79 26.83
N GLN B 158 24.87 4.05 28.13
CA GLN B 158 23.69 4.42 28.90
C GLN B 158 23.09 5.75 28.45
N ASN B 159 23.94 6.75 28.17
CA ASN B 159 23.40 8.04 27.78
C ASN B 159 22.75 8.01 26.42
N LEU B 160 23.30 7.21 25.52
CA LEU B 160 22.79 7.12 24.17
C LEU B 160 21.51 6.34 24.15
N SER B 161 21.44 5.27 24.95
CA SER B 161 20.24 4.46 25.01
C SER B 161 19.08 5.32 25.48
N ILE B 162 19.32 6.15 26.50
CA ILE B 162 18.28 7.04 26.99
C ILE B 162 17.92 8.10 25.98
N GLU B 163 18.90 8.72 25.34
CA GLU B 163 18.59 9.78 24.38
C GLU B 163 17.79 9.24 23.21
N ILE B 164 18.08 8.03 22.73
CA ILE B 164 17.29 7.47 21.66
C ILE B 164 15.90 7.13 22.18
N ARG B 165 15.81 6.48 23.33
CA ARG B 165 14.53 6.06 23.88
C ARG B 165 13.56 7.21 24.12
N GLN B 166 14.07 8.37 24.53
CA GLN B 166 13.20 9.49 24.81
C GLN B 166 12.91 10.35 23.58
N ALA B 167 13.52 10.05 22.44
CA ALA B 167 13.37 10.85 21.23
C ALA B 167 11.95 10.92 20.75
N ILE B 168 11.20 9.88 21.02
CA ILE B 168 9.84 9.73 20.57
C ILE B 168 8.85 9.73 21.73
N ASN B 169 9.30 10.16 22.91
CA ASN B 169 8.47 10.09 24.11
C ASN B 169 8.07 11.44 24.70
N LEU B 170 7.96 12.46 23.87
CA LEU B 170 7.65 13.80 24.39
C LEU B 170 6.17 14.25 24.40
N LYS B 171 5.22 13.36 24.01
CA LYS B 171 3.77 13.63 23.94
C LYS B 171 3.05 12.62 24.84
N ALA C 19 -16.32 32.41 33.50
CA ALA C 19 -16.72 31.46 32.47
C ALA C 19 -15.99 31.71 31.16
N ALA C 20 -15.90 32.97 30.77
CA ALA C 20 -15.23 33.34 29.52
C ALA C 20 -13.75 32.93 29.58
N TYR C 21 -13.12 33.17 30.72
CA TYR C 21 -11.72 32.83 30.88
C TYR C 21 -11.52 31.33 30.74
N VAL C 22 -12.41 30.55 31.34
CA VAL C 22 -12.34 29.10 31.26
C VAL C 22 -12.54 28.62 29.82
N ALA C 23 -13.44 29.29 29.10
CA ALA C 23 -13.74 28.92 27.72
C ALA C 23 -12.51 28.91 26.82
N TYR C 24 -11.84 30.06 26.71
CA TYR C 24 -10.67 30.18 25.86
C TYR C 24 -9.52 29.35 26.44
N TYR C 25 -9.39 29.32 27.78
CA TYR C 25 -8.38 28.51 28.45
C TYR C 25 -8.70 27.04 28.20
N TYR C 26 -9.99 26.73 28.29
CA TYR C 26 -10.49 25.40 28.02
C TYR C 26 -10.19 25.05 26.57
N ALA C 27 -10.39 26.00 25.66
CA ALA C 27 -10.10 25.75 24.26
C ALA C 27 -8.61 25.46 24.07
N ILE C 28 -7.72 26.21 24.72
CA ILE C 28 -6.30 25.89 24.54
C ILE C 28 -5.97 24.50 25.09
N LYS C 29 -6.57 24.13 26.22
CA LYS C 29 -6.35 22.80 26.78
C LYS C 29 -6.85 21.68 25.85
N GLN C 30 -8.01 21.93 25.24
CA GLN C 30 -8.72 21.00 24.36
C GLN C 30 -8.07 20.65 23.01
N LEU C 31 -7.98 21.62 22.11
CA LEU C 31 -7.42 21.36 20.80
C LEU C 31 -6.03 20.76 20.91
N HIS C 32 -5.25 21.38 21.80
CA HIS C 32 -3.88 21.07 22.09
C HIS C 32 -3.85 19.62 22.34
N GLN C 33 -4.73 19.16 23.19
CA GLN C 33 -4.87 17.75 23.38
C GLN C 33 -5.11 17.03 22.08
N LYS C 34 -5.97 17.62 21.25
CA LYS C 34 -6.30 17.05 19.94
C LYS C 34 -5.10 16.64 19.09
N SER C 35 -4.05 17.46 19.07
CA SER C 35 -2.86 17.07 18.30
C SER C 35 -2.26 15.85 18.90
N VAL C 36 -2.17 15.83 20.23
CA VAL C 36 -1.65 14.71 21.00
C VAL C 36 -2.55 13.49 20.85
N GLU C 37 -3.86 13.64 20.63
CA GLU C 37 -4.61 12.42 20.39
C GLU C 37 -4.29 11.85 19.01
N ASN C 38 -3.49 12.53 18.18
CA ASN C 38 -3.04 11.80 16.99
C ASN C 38 -1.67 11.18 17.18
N ILE C 39 -0.80 11.83 17.91
CA ILE C 39 0.49 11.26 18.16
C ILE C 39 0.37 10.06 19.08
N GLU C 40 -0.43 10.15 20.15
CA GLU C 40 -0.57 8.99 21.02
C GLU C 40 -1.04 7.80 20.21
N TYR C 41 -1.97 8.02 19.27
CA TYR C 41 -2.40 6.96 18.40
C TYR C 41 -1.25 6.36 17.61
N ALA C 42 -0.43 7.20 16.97
CA ALA C 42 0.68 6.69 16.16
C ALA C 42 1.65 5.87 16.99
N LYS C 43 1.91 6.31 18.20
CA LYS C 43 2.82 5.53 19.01
C LYS C 43 2.17 4.22 19.37
N TYR C 44 0.88 4.23 19.73
CA TYR C 44 0.21 2.99 20.08
C TYR C 44 0.34 1.98 18.99
N GLN C 45 0.11 2.38 17.74
CA GLN C 45 0.18 1.41 16.68
C GLN C 45 1.58 0.81 16.59
N ALA C 46 2.62 1.61 16.79
CA ALA C 46 3.98 1.06 16.77
C ALA C 46 4.20 0.08 17.91
N VAL C 47 3.63 0.36 19.08
CA VAL C 47 3.77 -0.49 20.25
C VAL C 47 3.09 -1.81 19.98
N LEU C 48 1.92 -1.76 19.38
CA LEU C 48 1.17 -2.95 19.10
C LEU C 48 1.96 -3.87 18.20
N GLN C 49 2.60 -3.33 17.16
CA GLN C 49 3.40 -4.19 16.30
C GLN C 49 4.65 -4.72 17.00
N ALA C 50 5.31 -3.88 17.81
CA ALA C 50 6.52 -4.30 18.50
C ALA C 50 6.26 -5.47 19.43
N HIS C 51 5.12 -5.46 20.12
CA HIS C 51 4.80 -6.58 20.99
C HIS C 51 4.24 -7.76 20.22
N LYS C 52 3.50 -7.53 19.14
CA LYS C 52 2.99 -8.66 18.37
C LYS C 52 4.12 -9.55 17.91
N SER C 53 5.23 -8.94 17.51
CA SER C 53 6.40 -9.67 17.04
C SER C 53 7.29 -10.20 18.15
N LEU C 54 7.06 -9.79 19.39
CA LEU C 54 7.90 -10.21 20.48
C LEU C 54 7.34 -11.48 21.07
N TYR C 55 6.02 -11.56 21.10
CA TYR C 55 5.29 -12.67 21.69
C TYR C 55 5.79 -14.01 21.22
N LYS C 56 6.11 -14.16 19.94
CA LYS C 56 6.55 -15.46 19.43
C LYS C 56 7.78 -16.01 20.16
N LEU C 57 8.55 -15.14 20.78
CA LEU C 57 9.76 -15.50 21.49
C LEU C 57 9.42 -16.34 22.70
N LEU C 58 8.19 -16.21 23.19
CA LEU C 58 7.73 -16.91 24.36
C LEU C 58 7.57 -18.37 24.12
N ARG C 59 7.54 -18.83 22.88
CA ARG C 59 7.38 -20.27 22.74
C ARG C 59 8.54 -20.98 23.40
N PHE C 60 9.71 -20.36 23.48
CA PHE C 60 10.88 -20.98 24.06
C PHE C 60 10.79 -21.11 25.56
N THR C 61 9.95 -20.31 26.18
CA THR C 61 9.90 -20.25 27.61
C THR C 61 8.68 -21.00 28.14
N THR C 62 7.94 -21.68 27.26
CA THR C 62 6.72 -22.34 27.68
C THR C 62 6.93 -23.47 28.68
N ASN C 63 5.91 -23.66 29.51
CA ASN C 63 5.88 -24.73 30.49
C ASN C 63 5.08 -25.94 30.01
N THR C 64 4.78 -25.94 28.72
CA THR C 64 4.07 -27.01 28.04
C THR C 64 5.00 -27.62 27.02
N GLU C 65 4.63 -28.76 26.46
CA GLU C 65 5.52 -29.29 25.44
C GLU C 65 5.27 -28.55 24.15
N ASN C 66 6.28 -28.53 23.29
CA ASN C 66 6.20 -27.82 22.03
C ASN C 66 7.11 -28.50 21.01
N GLU C 67 7.14 -27.95 19.80
CA GLU C 67 7.98 -28.44 18.71
C GLU C 67 9.45 -28.32 19.06
N ASP C 68 9.78 -27.25 19.77
CA ASP C 68 11.13 -26.96 20.18
C ASP C 68 11.28 -26.82 21.71
N SER C 69 10.92 -25.67 22.28
CA SER C 69 11.10 -25.38 23.71
C SER C 69 12.56 -25.38 24.10
N ILE C 70 12.79 -25.08 25.36
CA ILE C 70 14.09 -25.12 25.98
C ILE C 70 14.16 -26.25 26.95
N LEU C 71 13.14 -26.35 27.75
CA LEU C 71 13.10 -27.33 28.79
C LEU C 71 12.07 -28.40 28.42
N ILE C 72 12.39 -29.69 28.69
CA ILE C 72 11.44 -30.81 28.48
C ILE C 72 11.04 -31.48 29.81
N TRP C 73 9.72 -31.65 29.99
CA TRP C 73 9.16 -32.22 31.21
C TRP C 73 9.14 -33.75 31.24
N GLU C 74 9.53 -34.31 32.38
CA GLU C 74 9.56 -35.76 32.55
C GLU C 74 9.27 -36.16 33.99
N LYS C 75 8.52 -37.24 34.15
CA LYS C 75 8.16 -37.74 35.48
C LYS C 75 7.74 -39.20 35.43
N TYR C 85 14.31 -34.62 36.29
CA TYR C 85 13.81 -34.39 34.95
C TYR C 85 14.21 -32.99 34.45
N TYR C 86 13.31 -32.26 33.78
CA TYR C 86 13.61 -30.91 33.28
C TYR C 86 14.90 -30.83 32.50
N PHE C 87 14.98 -31.57 31.42
CA PHE C 87 16.24 -31.60 30.69
C PHE C 87 16.33 -30.39 29.80
N ARG C 88 17.52 -29.78 29.72
CA ARG C 88 17.71 -28.68 28.80
C ARG C 88 18.01 -29.19 27.40
N LYS C 89 17.57 -28.43 26.42
CA LYS C 89 17.88 -28.71 25.03
C LYS C 89 18.89 -27.71 24.49
N GLU C 90 19.45 -28.04 23.34
CA GLU C 90 20.44 -27.17 22.72
C GLU C 90 19.78 -26.09 21.89
N ASN C 91 18.44 -26.03 21.99
CA ASN C 91 17.57 -25.05 21.35
C ASN C 91 17.81 -23.70 21.99
N ILE C 92 18.59 -23.67 23.06
CA ILE C 92 19.01 -22.44 23.67
C ILE C 92 19.69 -21.60 22.62
N ARG C 93 20.42 -22.22 21.67
CA ARG C 93 21.04 -21.41 20.63
C ARG C 93 20.00 -20.70 19.77
N LYS C 94 18.84 -21.33 19.54
CA LYS C 94 17.82 -20.72 18.72
C LYS C 94 17.24 -19.55 19.49
N PHE C 95 17.05 -19.74 20.80
CA PHE C 95 16.52 -18.69 21.65
C PHE C 95 17.39 -17.47 21.62
N ILE C 96 18.70 -17.63 21.79
CA ILE C 96 19.56 -16.48 21.83
C ILE C 96 19.52 -15.75 20.49
N LYS C 97 19.54 -16.47 19.37
CA LYS C 97 19.49 -15.79 18.09
C LYS C 97 18.16 -15.05 17.88
N GLU C 98 17.03 -15.66 18.27
CA GLU C 98 15.75 -15.00 18.08
C GLU C 98 15.67 -13.79 18.97
N LEU C 99 16.24 -13.89 20.17
CA LEU C 99 16.25 -12.80 21.11
C LEU C 99 16.99 -11.60 20.58
N SER C 100 18.17 -11.79 20.01
CA SER C 100 18.92 -10.68 19.47
C SER C 100 18.17 -9.99 18.35
N LYS C 101 17.57 -10.78 17.47
CA LYS C 101 16.84 -10.17 16.38
C LYS C 101 15.65 -9.37 16.86
N GLU C 102 14.89 -9.88 17.82
CA GLU C 102 13.70 -9.12 18.19
C GLU C 102 14.00 -7.90 19.02
N ILE C 103 14.97 -7.97 19.92
CA ILE C 103 15.20 -6.81 20.76
C ILE C 103 15.90 -5.71 20.01
N TYR C 104 16.93 -6.03 19.23
CA TYR C 104 17.64 -4.97 18.54
C TYR C 104 17.35 -4.84 17.07
N ASN C 105 17.49 -5.90 16.28
CA ASN C 105 17.37 -5.67 14.83
C ASN C 105 16.00 -5.19 14.38
N GLU C 106 14.97 -5.67 15.04
CA GLU C 106 13.60 -5.29 14.70
C GLU C 106 13.12 -4.07 15.50
N GLY C 107 13.96 -3.55 16.38
CA GLY C 107 13.64 -2.40 17.19
C GLY C 107 12.66 -2.62 18.34
N CYS C 108 12.40 -3.85 18.79
CA CYS C 108 11.41 -4.02 19.83
C CYS C 108 11.76 -3.33 21.12
N GLY C 109 13.06 -3.28 21.44
CA GLY C 109 13.56 -2.74 22.69
C GLY C 109 13.06 -1.33 23.00
N ILE C 110 12.68 -0.55 21.98
CA ILE C 110 12.18 0.80 22.17
C ILE C 110 10.81 0.86 22.83
N PHE C 111 9.92 -0.05 22.44
CA PHE C 111 8.53 0.02 22.82
C PHE C 111 8.14 -0.91 23.94
N MET C 112 9.12 -1.49 24.56
CA MET C 112 8.87 -2.40 25.66
C MET C 112 9.41 -1.81 26.94
N SER C 113 8.73 -2.14 28.02
CA SER C 113 9.04 -1.65 29.35
C SER C 113 10.29 -2.21 29.94
N LYS C 114 10.78 -1.54 30.98
CA LYS C 114 11.94 -1.99 31.69
C LYS C 114 11.70 -3.32 32.36
N GLU C 115 10.48 -3.56 32.80
CA GLU C 115 10.17 -4.82 33.44
C GLU C 115 10.26 -5.95 32.43
N ALA C 116 9.75 -5.76 31.22
CA ALA C 116 9.84 -6.81 30.23
C ALA C 116 11.29 -7.12 29.90
N LEU C 117 12.11 -6.06 29.80
CA LEU C 117 13.51 -6.28 29.47
C LEU C 117 14.25 -6.96 30.61
N SER C 118 13.93 -6.60 31.85
CA SER C 118 14.59 -7.21 32.99
C SER C 118 14.28 -8.70 33.03
N LEU C 119 13.00 -9.08 32.81
CA LEU C 119 12.62 -10.47 32.85
C LEU C 119 13.28 -11.27 31.75
N ILE C 120 13.40 -10.69 30.56
CA ILE C 120 14.06 -11.40 29.48
C ILE C 120 15.53 -11.56 29.79
N SER C 121 16.18 -10.51 30.30
CA SER C 121 17.58 -10.58 30.61
C SER C 121 17.88 -11.66 31.65
N GLU C 122 17.07 -11.74 32.71
CA GLU C 122 17.31 -12.78 33.69
C GLU C 122 17.16 -14.16 33.06
N TYR C 123 16.12 -14.36 32.25
CA TYR C 123 15.92 -15.65 31.64
C TYR C 123 17.13 -16.01 30.82
N ARG C 124 17.59 -15.04 30.00
CA ARG C 124 18.73 -15.26 29.13
C ARG C 124 19.91 -15.73 29.92
N ASN C 125 20.19 -15.10 31.05
CA ASN C 125 21.34 -15.50 31.82
C ASN C 125 21.18 -16.90 32.42
N ILE C 126 19.97 -17.34 32.73
CA ILE C 126 19.81 -18.67 33.27
C ILE C 126 20.15 -19.71 32.21
N VAL C 127 19.60 -19.55 31.01
CA VAL C 127 19.83 -20.54 29.96
C VAL C 127 21.24 -20.44 29.39
N TYR C 128 21.77 -19.23 29.31
CA TYR C 128 23.10 -19.02 28.81
C TYR C 128 24.06 -19.67 29.77
N GLY C 129 23.86 -19.46 31.07
CA GLY C 129 24.72 -20.05 32.09
C GLY C 129 24.76 -21.56 31.96
N PHE C 130 23.60 -22.15 31.71
CA PHE C 130 23.49 -23.59 31.56
C PHE C 130 24.41 -24.08 30.45
N MET C 131 24.37 -23.39 29.31
CA MET C 131 25.20 -23.76 28.18
C MET C 131 26.68 -23.61 28.51
N LEU C 132 27.03 -22.56 29.26
CA LEU C 132 28.42 -22.34 29.63
C LEU C 132 28.90 -23.45 30.52
N SER C 133 28.04 -23.97 31.40
CA SER C 133 28.45 -25.08 32.25
C SER C 133 28.62 -26.35 31.42
N ALA C 134 27.76 -26.55 30.41
CA ALA C 134 27.83 -27.76 29.61
C ALA C 134 29.18 -27.93 28.93
N GLN C 135 29.78 -26.85 28.41
CA GLN C 135 31.09 -26.98 27.77
C GLN C 135 31.11 -28.12 26.77
N ASN C 136 31.85 -29.19 27.09
CA ASN C 136 31.99 -30.33 26.20
C ASN C 136 30.78 -31.21 26.43
N ASN C 137 29.67 -30.68 25.98
CA ASN C 137 28.36 -31.19 26.21
C ASN C 137 28.24 -32.64 25.77
N PRO C 138 27.92 -33.59 26.67
CA PRO C 138 27.78 -35.00 26.40
C PRO C 138 26.45 -35.29 25.73
N GLN C 139 26.30 -34.79 24.50
CA GLN C 139 25.09 -34.87 23.69
C GLN C 139 24.03 -33.92 24.19
N GLU C 140 22.89 -33.90 23.53
CA GLU C 140 21.83 -32.98 23.92
C GLU C 140 21.02 -33.58 25.05
N THR C 141 20.02 -32.84 25.53
CA THR C 141 19.13 -33.32 26.58
C THR C 141 19.87 -33.60 27.89
N ILE C 142 20.20 -32.51 28.61
CA ILE C 142 20.94 -32.64 29.87
C ILE C 142 20.10 -32.30 31.11
N ARG C 143 20.09 -33.20 32.08
CA ARG C 143 19.26 -33.07 33.29
C ARG C 143 19.64 -31.89 34.15
N ILE C 144 18.63 -31.25 34.75
CA ILE C 144 18.91 -30.15 35.66
C ILE C 144 18.67 -30.62 37.06
N THR C 145 19.70 -30.55 37.89
CA THR C 145 19.60 -31.04 39.25
C THR C 145 19.26 -29.96 40.27
N ASN C 146 19.47 -28.69 39.94
CA ASN C 146 19.13 -27.61 40.87
C ASN C 146 17.80 -27.02 40.47
N ARG C 147 16.76 -27.40 41.19
CA ARG C 147 15.39 -27.04 40.85
C ARG C 147 15.06 -25.58 41.00
N GLU C 148 15.94 -24.81 41.62
CA GLU C 148 15.67 -23.39 41.74
C GLU C 148 15.66 -22.75 40.37
N SER C 149 16.50 -23.23 39.44
CA SER C 149 16.56 -22.62 38.12
C SER C 149 15.31 -22.97 37.36
N VAL C 150 14.80 -24.17 37.58
CA VAL C 150 13.62 -24.63 36.90
C VAL C 150 12.41 -23.84 37.32
N GLU C 151 12.25 -23.65 38.62
CA GLU C 151 11.12 -22.91 39.11
C GLU C 151 11.23 -21.44 38.74
N ARG C 152 12.44 -20.88 38.71
CA ARG C 152 12.55 -19.48 38.37
C ARG C 152 12.22 -19.28 36.90
N MET C 153 12.64 -20.19 36.02
CA MET C 153 12.30 -20.02 34.61
C MET C 153 10.80 -20.06 34.42
N LYS C 154 10.09 -20.95 35.12
CA LYS C 154 8.65 -20.98 34.97
C LYS C 154 8.00 -19.69 35.45
N LYS C 155 8.49 -19.13 36.55
CA LYS C 155 7.91 -17.90 37.06
C LYS C 155 8.16 -16.77 36.09
N ILE C 156 9.33 -16.73 35.46
CA ILE C 156 9.59 -15.68 34.49
C ILE C 156 8.63 -15.84 33.35
N HIS C 157 8.42 -17.06 32.86
CA HIS C 157 7.47 -17.21 31.77
C HIS C 157 6.14 -16.56 32.12
N GLN C 158 5.61 -16.84 33.31
CA GLN C 158 4.32 -16.26 33.64
C GLN C 158 4.37 -14.73 33.74
N ASN C 159 5.43 -14.19 34.34
CA ASN C 159 5.48 -12.75 34.50
C ASN C 159 5.69 -12.03 33.18
N LEU C 160 6.46 -12.64 32.29
CA LEU C 160 6.76 -12.06 31.01
C LEU C 160 5.56 -12.14 30.11
N SER C 161 4.84 -13.25 30.15
CA SER C 161 3.66 -13.42 29.33
C SER C 161 2.65 -12.35 29.69
N ILE C 162 2.48 -12.09 30.98
CA ILE C 162 1.55 -11.05 31.41
C ILE C 162 2.04 -9.67 31.02
N GLU C 163 3.33 -9.38 31.23
CA GLU C 163 3.82 -8.05 30.91
C GLU C 163 3.70 -7.75 29.42
N ILE C 164 3.94 -8.74 28.56
CA ILE C 164 3.77 -8.50 27.13
C ILE C 164 2.28 -8.34 26.83
N ARG C 165 1.44 -9.22 27.35
CA ARG C 165 0.00 -9.17 27.08
C ARG C 165 -0.65 -7.87 27.46
N GLN C 166 -0.22 -7.26 28.56
CA GLN C 166 -0.83 -6.02 29.01
C GLN C 166 -0.20 -4.78 28.40
N ALA C 167 0.84 -4.94 27.59
CA ALA C 167 1.56 -3.80 27.02
C ALA C 167 0.69 -2.95 26.12
N ILE C 168 -0.30 -3.59 25.52
CA ILE C 168 -1.18 -2.96 24.57
C ILE C 168 -2.61 -2.89 25.09
N ASN C 169 -2.80 -3.12 26.38
CA ASN C 169 -4.15 -3.20 26.97
C ASN C 169 -4.49 -2.09 27.94
N LEU C 170 -3.91 -0.91 27.78
CA LEU C 170 -4.15 0.17 28.74
C LEU C 170 -5.26 1.20 28.40
N LYS C 171 -6.01 1.01 27.29
CA LYS C 171 -7.08 1.89 26.81
C LYS C 171 -8.38 1.09 26.72
N ALA D 19 -24.46 23.43 35.94
CA ALA D 19 -24.44 23.16 34.51
C ALA D 19 -23.06 23.45 33.91
N ALA D 20 -22.49 24.59 34.28
CA ALA D 20 -21.19 24.98 33.77
C ALA D 20 -20.12 23.97 34.18
N TYR D 21 -20.19 23.51 35.43
CA TYR D 21 -19.22 22.54 35.92
C TYR D 21 -19.33 21.24 35.12
N VAL D 22 -20.55 20.82 34.84
CA VAL D 22 -20.78 19.59 34.08
C VAL D 22 -20.25 19.75 32.65
N ALA D 23 -20.43 20.94 32.08
CA ALA D 23 -19.98 21.23 30.72
C ALA D 23 -18.50 20.96 30.48
N TYR D 24 -17.65 21.64 31.24
CA TYR D 24 -16.21 21.49 31.11
C TYR D 24 -15.78 20.10 31.58
N TYR D 25 -16.42 19.58 32.64
CA TYR D 25 -16.15 18.23 33.14
C TYR D 25 -16.59 17.23 32.07
N TYR D 26 -17.75 17.52 31.48
CA TYR D 26 -18.30 16.71 30.41
C TYR D 26 -17.32 16.77 29.23
N ALA D 27 -16.78 17.94 28.92
CA ALA D 27 -15.83 18.06 27.84
C ALA D 27 -14.58 17.21 28.12
N ILE D 28 -14.06 17.23 29.35
CA ILE D 28 -12.89 16.39 29.60
C ILE D 28 -13.23 14.91 29.44
N LYS D 29 -14.42 14.50 29.89
CA LYS D 29 -14.82 13.10 29.74
C LYS D 29 -14.98 12.70 28.27
N GLN D 30 -15.51 13.62 27.48
CA GLN D 30 -15.79 13.44 26.05
C GLN D 30 -14.63 13.31 25.08
N LEU D 31 -13.84 14.38 24.91
CA LEU D 31 -12.72 14.34 23.98
C LEU D 31 -11.80 13.19 24.31
N HIS D 32 -11.52 13.07 25.60
CA HIS D 32 -10.64 12.10 26.20
C HIS D 32 -11.06 10.80 25.68
N GLN D 33 -12.34 10.53 25.74
CA GLN D 33 -12.85 9.35 25.13
C GLN D 33 -12.51 9.29 23.67
N LYS D 34 -12.68 10.42 23.00
CA LYS D 34 -12.42 10.57 21.61
C LYS D 34 -11.11 9.99 21.17
N SER D 35 -10.06 10.13 21.99
CA SER D 35 -8.77 9.55 21.63
C SER D 35 -8.90 8.07 21.82
N VAL D 36 -9.69 7.67 22.82
CA VAL D 36 -9.99 6.26 23.09
C VAL D 36 -10.87 5.64 22.01
N GLU D 37 -11.62 6.46 21.28
CA GLU D 37 -12.40 6.00 20.16
C GLU D 37 -11.45 5.46 19.11
N ASN D 38 -10.31 6.10 18.89
CA ASN D 38 -9.32 5.63 17.92
C ASN D 38 -8.48 4.40 18.31
N ILE D 39 -7.87 4.40 19.48
CA ILE D 39 -7.08 3.26 19.88
C ILE D 39 -7.94 2.01 19.95
N GLU D 40 -9.16 2.08 20.50
CA GLU D 40 -10.00 0.90 20.53
C GLU D 40 -10.19 0.38 19.12
N TYR D 41 -10.38 1.28 18.16
CA TYR D 41 -10.49 0.88 16.77
C TYR D 41 -9.26 0.12 16.30
N ALA D 42 -8.05 0.67 16.55
CA ALA D 42 -6.83 0.01 16.10
C ALA D 42 -6.67 -1.36 16.69
N LYS D 43 -7.03 -1.53 17.96
CA LYS D 43 -6.91 -2.84 18.53
C LYS D 43 -7.92 -3.76 17.90
N TYR D 44 -9.15 -3.30 17.68
CA TYR D 44 -10.16 -4.16 17.07
C TYR D 44 -9.67 -4.69 15.77
N GLN D 45 -9.10 -3.84 14.92
CA GLN D 45 -8.68 -4.34 13.64
C GLN D 45 -7.62 -5.44 13.80
N ALA D 46 -6.71 -5.29 14.76
CA ALA D 46 -5.72 -6.35 14.98
C ALA D 46 -6.37 -7.64 15.46
N VAL D 47 -7.42 -7.53 16.28
CA VAL D 47 -8.12 -8.69 16.80
C VAL D 47 -8.81 -9.39 15.66
N LEU D 48 -9.43 -8.64 14.78
CA LEU D 48 -10.14 -9.21 13.67
C LEU D 48 -9.19 -10.04 12.82
N GLN D 49 -8.00 -9.53 12.53
CA GLN D 49 -7.07 -10.32 11.74
C GLN D 49 -6.55 -11.54 12.50
N ALA D 50 -6.29 -11.41 13.80
CA ALA D 50 -5.77 -12.52 14.57
C ALA D 50 -6.74 -13.67 14.60
N HIS D 51 -8.04 -13.39 14.70
CA HIS D 51 -9.02 -14.46 14.70
C HIS D 51 -9.31 -14.96 13.28
N LYS D 52 -9.26 -14.08 12.28
CA LYS D 52 -9.51 -14.53 10.92
C LYS D 52 -8.53 -15.64 10.55
N SER D 53 -7.28 -15.50 10.98
CA SER D 53 -6.23 -16.47 10.69
C SER D 53 -6.23 -17.67 11.63
N LEU D 54 -7.02 -17.63 12.70
CA LEU D 54 -7.03 -18.71 13.65
C LEU D 54 -8.08 -19.70 13.24
N TYR D 55 -9.17 -19.20 12.72
CA TYR D 55 -10.33 -19.99 12.33
C TYR D 55 -9.95 -21.18 11.49
N LYS D 56 -9.03 -21.04 10.55
CA LYS D 56 -8.68 -22.15 9.66
C LYS D 56 -8.21 -23.39 10.42
N LEU D 57 -7.72 -23.21 11.64
CA LEU D 57 -7.21 -24.27 12.47
C LEU D 57 -8.33 -25.22 12.83
N LEU D 58 -9.57 -24.73 12.82
CA LEU D 58 -10.74 -25.49 13.19
C LEU D 58 -11.05 -26.55 12.20
N ARG D 59 -10.50 -26.53 11.00
CA ARG D 59 -10.87 -27.60 10.10
C ARG D 59 -10.44 -28.93 10.69
N PHE D 60 -9.40 -28.96 11.53
CA PHE D 60 -8.90 -30.19 12.10
C PHE D 60 -9.83 -30.74 13.16
N THR D 61 -10.67 -29.91 13.71
CA THR D 61 -11.50 -30.30 14.83
C THR D 61 -12.92 -30.56 14.39
N THR D 62 -13.19 -30.50 13.08
CA THR D 62 -14.55 -30.66 12.60
C THR D 62 -15.17 -32.01 12.88
N ASN D 63 -16.49 -32.00 13.02
CA ASN D 63 -17.28 -33.19 13.24
C ASN D 63 -17.92 -33.68 11.94
N THR D 64 -17.46 -33.14 10.83
CA THR D 64 -17.91 -33.49 9.49
C THR D 64 -16.73 -34.09 8.75
N GLU D 65 -16.95 -34.68 7.61
CA GLU D 65 -15.81 -35.18 6.89
C GLU D 65 -15.13 -34.03 6.18
N ASN D 66 -13.85 -34.18 5.91
CA ASN D 66 -13.06 -33.16 5.27
C ASN D 66 -11.92 -33.79 4.49
N GLU D 67 -11.11 -32.96 3.85
CA GLU D 67 -9.95 -33.38 3.08
C GLU D 67 -8.92 -34.04 3.98
N ASP D 68 -8.81 -33.53 5.19
CA ASP D 68 -7.87 -34.02 6.18
C ASP D 68 -8.56 -34.47 7.48
N SER D 69 -8.92 -33.54 8.37
CA SER D 69 -9.50 -33.83 9.69
C SER D 69 -8.53 -34.62 10.54
N ILE D 70 -8.97 -34.88 11.76
CA ILE D 70 -8.26 -35.69 12.73
C ILE D 70 -8.98 -36.98 12.92
N LEU D 71 -10.27 -36.87 13.10
CA LEU D 71 -11.08 -38.02 13.38
C LEU D 71 -11.95 -38.33 12.16
N ILE D 72 -12.11 -39.62 11.84
CA ILE D 72 -13.00 -40.08 10.75
C ILE D 72 -14.20 -40.88 11.28
N TRP D 73 -15.40 -40.51 10.84
CA TRP D 73 -16.65 -41.14 11.26
C TRP D 73 -17.01 -42.41 10.50
N GLU D 74 -17.44 -43.42 11.25
CA GLU D 74 -17.82 -44.69 10.66
C GLU D 74 -18.93 -45.38 11.44
N LYS D 75 -19.86 -46.00 10.74
CA LYS D 75 -20.98 -46.68 11.38
C LYS D 75 -21.62 -47.69 10.42
N TYR D 85 -14.65 -47.04 13.72
CA TYR D 85 -15.40 -46.15 14.60
C TYR D 85 -14.48 -45.08 15.22
N TYR D 86 -14.70 -43.85 14.83
CA TYR D 86 -13.90 -42.69 15.23
C TYR D 86 -12.41 -42.94 15.17
N PHE D 87 -11.91 -43.25 13.99
CA PHE D 87 -10.52 -43.59 13.90
C PHE D 87 -9.68 -42.33 13.86
N ARG D 88 -8.55 -42.34 14.56
CA ARG D 88 -7.64 -41.19 14.49
C ARG D 88 -6.76 -41.29 13.27
N LYS D 89 -6.40 -40.15 12.73
CA LYS D 89 -5.46 -40.06 11.63
C LYS D 89 -4.13 -39.51 12.10
N GLU D 90 -3.11 -39.65 11.28
CA GLU D 90 -1.79 -39.16 11.62
C GLU D 90 -1.64 -37.70 11.28
N ASN D 91 -2.76 -37.09 10.86
CA ASN D 91 -2.90 -35.67 10.53
C ASN D 91 -2.77 -34.86 11.80
N ILE D 92 -2.71 -35.54 12.94
CA ILE D 92 -2.44 -34.89 14.20
C ILE D 92 -1.12 -34.15 14.07
N ARG D 93 -0.16 -34.68 13.32
CA ARG D 93 1.09 -33.95 13.16
C ARG D 93 0.86 -32.61 12.45
N LYS D 94 -0.08 -32.54 11.51
CA LYS D 94 -0.32 -31.31 10.80
C LYS D 94 -0.95 -30.33 11.75
N PHE D 95 -1.86 -30.84 12.60
CA PHE D 95 -2.53 -30.00 13.58
C PHE D 95 -1.55 -29.35 14.51
N ILE D 96 -0.62 -30.13 15.07
CA ILE D 96 0.31 -29.57 16.00
C ILE D 96 1.16 -28.50 15.34
N LYS D 97 1.63 -28.74 14.11
CA LYS D 97 2.44 -27.73 13.45
C LYS D 97 1.65 -26.45 13.15
N GLU D 98 0.39 -26.59 12.71
CA GLU D 98 -0.40 -25.41 12.40
C GLU D 98 -0.69 -24.65 13.68
N LEU D 99 -0.91 -25.38 14.77
CA LEU D 99 -1.18 -24.79 16.05
C LEU D 99 -0.02 -23.93 16.53
N SER D 100 1.19 -24.45 16.44
CA SER D 100 2.34 -23.67 16.88
C SER D 100 2.50 -22.39 16.08
N LYS D 101 2.33 -22.50 14.76
CA LYS D 101 2.46 -21.31 13.96
C LYS D 101 1.41 -20.26 14.28
N GLU D 102 0.15 -20.66 14.46
CA GLU D 102 -0.84 -19.64 14.68
C GLU D 102 -0.79 -19.02 16.05
N ILE D 103 -0.52 -19.80 17.08
CA ILE D 103 -0.54 -19.22 18.40
C ILE D 103 0.68 -18.36 18.66
N TYR D 104 1.87 -18.83 18.28
CA TYR D 104 3.05 -18.04 18.56
C TYR D 104 3.65 -17.32 17.38
N ASN D 105 3.96 -18.01 16.30
CA ASN D 105 4.72 -17.29 15.24
C ASN D 105 3.95 -16.14 14.61
N GLU D 106 2.65 -16.28 14.47
CA GLU D 106 1.82 -15.25 13.88
C GLU D 106 1.25 -14.28 14.92
N GLY D 107 1.56 -14.52 16.19
CA GLY D 107 1.11 -13.66 17.29
C GLY D 107 -0.36 -13.79 17.69
N CYS D 108 -1.08 -14.85 17.30
CA CYS D 108 -2.50 -14.89 17.63
C CYS D 108 -2.75 -14.89 19.11
N GLY D 109 -1.87 -15.54 19.89
CA GLY D 109 -2.04 -15.71 21.32
C GLY D 109 -2.30 -14.41 22.08
N ILE D 110 -1.88 -13.27 21.55
CA ILE D 110 -2.10 -11.98 22.18
C ILE D 110 -3.55 -11.54 22.19
N PHE D 111 -4.25 -11.76 21.09
CA PHE D 111 -5.57 -11.21 20.88
C PHE D 111 -6.70 -12.18 21.13
N MET D 112 -6.38 -13.31 21.69
CA MET D 112 -7.37 -14.30 21.98
C MET D 112 -7.51 -14.47 23.46
N SER D 113 -8.73 -14.79 23.88
CA SER D 113 -9.10 -14.96 25.26
C SER D 113 -8.52 -16.18 25.92
N LYS D 114 -8.55 -16.17 27.25
CA LYS D 114 -8.09 -17.31 28.02
C LYS D 114 -8.95 -18.53 27.76
N GLU D 115 -10.23 -18.33 27.51
CA GLU D 115 -11.10 -19.45 27.25
C GLU D 115 -10.73 -20.10 25.93
N ALA D 116 -10.43 -19.30 24.90
CA ALA D 116 -10.04 -19.92 23.64
C ALA D 116 -8.76 -20.70 23.79
N LEU D 117 -7.81 -20.16 24.55
CA LEU D 117 -6.55 -20.86 24.74
C LEU D 117 -6.72 -22.12 25.56
N SER D 118 -7.57 -22.08 26.57
CA SER D 118 -7.81 -23.26 27.39
C SER D 118 -8.40 -24.38 26.56
N LEU D 119 -9.39 -24.05 25.71
CA LEU D 119 -10.03 -25.06 24.88
C LEU D 119 -9.06 -25.67 23.88
N ILE D 120 -8.19 -24.85 23.30
CA ILE D 120 -7.22 -25.37 22.37
C ILE D 120 -6.24 -26.25 23.08
N SER D 121 -5.77 -25.84 24.26
CA SER D 121 -4.81 -26.63 25.01
C SER D 121 -5.37 -27.99 25.37
N GLU D 122 -6.63 -28.04 25.83
CA GLU D 122 -7.19 -29.34 26.16
C GLU D 122 -7.27 -30.22 24.92
N TYR D 123 -7.71 -29.65 23.80
CA TYR D 123 -7.83 -30.45 22.59
C TYR D 123 -6.47 -31.01 22.24
N ARG D 124 -5.45 -30.15 22.28
CA ARG D 124 -4.09 -30.56 21.93
C ARG D 124 -3.67 -31.73 22.76
N ASN D 125 -3.93 -31.69 24.05
CA ASN D 125 -3.51 -32.79 24.90
C ASN D 125 -4.26 -34.09 24.60
N ILE D 126 -5.50 -34.01 24.14
CA ILE D 126 -6.22 -35.24 23.82
C ILE D 126 -5.60 -35.90 22.60
N VAL D 127 -5.35 -35.13 21.55
CA VAL D 127 -4.81 -35.73 20.33
C VAL D 127 -3.32 -36.08 20.48
N TYR D 128 -2.60 -35.27 21.23
CA TYR D 128 -1.21 -35.53 21.47
C TYR D 128 -1.09 -36.83 22.25
N GLY D 129 -1.91 -36.98 23.28
CA GLY D 129 -1.91 -38.17 24.10
C GLY D 129 -2.14 -39.40 23.25
N PHE D 130 -3.06 -39.30 22.31
CA PHE D 130 -3.39 -40.40 21.42
C PHE D 130 -2.14 -40.87 20.68
N MET D 131 -1.40 -39.91 20.13
CA MET D 131 -0.19 -40.22 19.40
C MET D 131 0.87 -40.85 20.29
N LEU D 132 0.96 -40.38 21.54
CA LEU D 132 1.94 -40.93 22.47
C LEU D 132 1.59 -42.37 22.78
N SER D 133 0.31 -42.70 22.87
CA SER D 133 -0.06 -44.08 23.12
C SER D 133 0.25 -44.95 21.90
N ALA D 134 0.06 -44.41 20.69
CA ALA D 134 0.29 -45.18 19.48
C ALA D 134 1.71 -45.71 19.39
N GLN D 135 2.72 -44.90 19.77
CA GLN D 135 4.10 -45.38 19.71
C GLN D 135 4.41 -46.02 18.37
N ASN D 136 4.61 -47.34 18.36
CA ASN D 136 4.96 -48.06 17.15
C ASN D 136 3.66 -48.34 16.43
N ASN D 137 3.13 -47.26 15.92
CA ASN D 137 1.83 -47.18 15.32
C ASN D 137 1.66 -48.19 14.21
N PRO D 138 0.70 -49.13 14.30
CA PRO D 138 0.44 -50.15 13.31
C PRO D 138 -0.34 -49.59 12.14
N GLN D 139 0.31 -48.72 11.39
CA GLN D 139 -0.23 -47.98 10.25
C GLN D 139 -1.16 -46.87 10.72
N GLU D 140 -1.71 -46.12 9.78
CA GLU D 140 -2.58 -45.02 10.14
C GLU D 140 -3.99 -45.53 10.40
N THR D 141 -4.90 -44.62 10.76
CA THR D 141 -6.29 -44.97 10.98
C THR D 141 -6.47 -45.96 12.13
N ILE D 142 -6.36 -45.44 13.35
CA ILE D 142 -6.48 -46.28 14.56
C ILE D 142 -7.76 -46.02 15.37
N ARG D 143 -8.50 -47.09 15.64
CA ARG D 143 -9.80 -47.01 16.33
C ARG D 143 -9.72 -46.48 17.73
N ILE D 144 -10.71 -45.67 18.13
CA ILE D 144 -10.75 -45.19 19.50
C ILE D 144 -11.82 -45.94 20.25
N THR D 145 -11.42 -46.60 21.32
CA THR D 145 -12.36 -47.40 22.08
C THR D 145 -12.96 -46.69 23.29
N ASN D 146 -12.32 -45.62 23.76
CA ASN D 146 -12.86 -44.87 24.89
C ASN D 146 -13.60 -43.65 24.37
N ARG D 147 -14.92 -43.75 24.33
CA ARG D 147 -15.76 -42.71 23.72
C ARG D 147 -15.79 -41.40 24.44
N GLU D 148 -15.25 -41.35 25.65
CA GLU D 148 -15.23 -40.09 26.36
C GLU D 148 -14.34 -39.10 25.62
N SER D 149 -13.26 -39.58 24.99
CA SER D 149 -12.36 -38.67 24.31
C SER D 149 -13.03 -38.15 23.06
N VAL D 150 -13.82 -39.00 22.43
CA VAL D 150 -14.51 -38.63 21.21
C VAL D 150 -15.54 -37.57 21.47
N GLU D 151 -16.34 -37.77 22.51
CA GLU D 151 -17.36 -36.80 22.82
C GLU D 151 -16.75 -35.51 23.32
N ARG D 152 -15.64 -35.57 24.06
CA ARG D 152 -15.06 -34.34 24.54
C ARG D 152 -14.48 -33.55 23.38
N MET D 153 -13.85 -34.21 22.40
CA MET D 153 -13.33 -33.46 21.27
C MET D 153 -14.43 -32.75 20.53
N LYS D 154 -15.58 -33.41 20.35
CA LYS D 154 -16.67 -32.74 19.66
C LYS D 154 -17.18 -31.54 20.43
N LYS D 155 -17.27 -31.65 21.76
CA LYS D 155 -17.75 -30.54 22.55
C LYS D 155 -16.78 -29.38 22.47
N ILE D 156 -15.48 -29.67 22.45
CA ILE D 156 -14.51 -28.60 22.34
C ILE D 156 -14.69 -27.94 21.00
N HIS D 157 -14.86 -28.69 19.93
CA HIS D 157 -15.06 -28.04 18.65
C HIS D 157 -16.19 -27.02 18.73
N GLN D 158 -17.33 -27.40 19.30
CA GLN D 158 -18.42 -26.46 19.35
C GLN D 158 -18.11 -25.25 20.22
N ASN D 159 -17.47 -25.45 21.37
CA ASN D 159 -17.19 -24.32 22.25
C ASN D 159 -16.15 -23.39 21.67
N LEU D 160 -15.18 -23.95 20.97
CA LEU D 160 -14.11 -23.18 20.40
C LEU D 160 -14.59 -22.42 19.20
N SER D 161 -15.45 -23.04 18.39
CA SER D 161 -15.98 -22.39 17.22
C SER D 161 -16.77 -21.16 17.64
N ILE D 162 -17.56 -21.29 18.71
CA ILE D 162 -18.33 -20.15 19.21
C ILE D 162 -17.41 -19.09 19.80
N GLU D 163 -16.41 -19.49 20.59
CA GLU D 163 -15.55 -18.49 21.22
C GLU D 163 -14.77 -17.71 20.17
N ILE D 164 -14.32 -18.35 19.10
CA ILE D 164 -13.64 -17.61 18.05
C ILE D 164 -14.63 -16.72 17.32
N ARG D 165 -15.79 -17.25 16.96
CA ARG D 165 -16.79 -16.49 16.22
C ARG D 165 -17.25 -15.22 16.93
N GLN D 166 -17.36 -15.28 18.25
CA GLN D 166 -17.83 -14.12 18.98
C GLN D 166 -16.72 -13.17 19.38
N ALA D 167 -15.47 -13.49 19.09
CA ALA D 167 -14.33 -12.67 19.49
C ALA D 167 -14.37 -11.28 18.90
N ILE D 168 -14.96 -11.18 17.73
CA ILE D 168 -15.03 -9.95 16.98
C ILE D 168 -16.45 -9.43 16.86
N ASN D 169 -17.37 -9.95 17.67
CA ASN D 169 -18.78 -9.62 17.56
C ASN D 169 -19.36 -8.86 18.74
N LEU D 170 -18.55 -8.08 19.43
CA LEU D 170 -19.03 -7.38 20.63
C LEU D 170 -19.52 -5.92 20.47
N LYS D 171 -19.55 -5.39 19.22
CA LYS D 171 -19.97 -4.01 18.89
C LYS D 171 -21.14 -4.08 17.91
N ALA E 19 -34.45 18.62 30.58
CA ALA E 19 -33.91 18.73 29.23
C ALA E 19 -32.39 18.62 29.22
N ALA E 20 -31.75 19.29 30.18
CA ALA E 20 -30.30 19.26 30.27
C ALA E 20 -29.80 17.84 30.50
N TYR E 21 -30.49 17.11 31.37
CA TYR E 21 -30.11 15.74 31.68
C TYR E 21 -30.23 14.87 30.43
N VAL E 22 -31.29 15.09 29.66
CA VAL E 22 -31.52 14.35 28.42
C VAL E 22 -30.41 14.64 27.42
N ALA E 23 -29.99 15.91 27.36
CA ALA E 23 -28.94 16.33 26.44
C ALA E 23 -27.62 15.63 26.74
N TYR E 24 -27.25 15.60 28.02
CA TYR E 24 -26.00 14.96 28.43
C TYR E 24 -26.03 13.47 28.06
N TYR E 25 -27.17 12.82 28.24
CA TYR E 25 -27.32 11.42 27.92
C TYR E 25 -27.14 11.22 26.43
N TYR E 26 -27.70 12.12 25.63
CA TYR E 26 -27.57 12.05 24.18
C TYR E 26 -26.12 12.24 23.78
N ALA E 27 -25.44 13.16 24.45
CA ALA E 27 -24.05 13.48 24.20
C ALA E 27 -23.19 12.26 24.41
N ILE E 28 -23.39 11.55 25.51
CA ILE E 28 -22.56 10.37 25.73
C ILE E 28 -23.02 9.21 24.84
N LYS E 29 -24.34 9.06 24.67
CA LYS E 29 -24.88 8.01 23.82
C LYS E 29 -24.45 8.22 22.38
N GLN E 30 -24.45 9.48 21.95
CA GLN E 30 -24.08 9.87 20.59
C GLN E 30 -22.62 9.61 20.28
N LEU E 31 -21.70 10.04 21.16
CA LEU E 31 -20.30 9.81 20.85
C LEU E 31 -19.97 8.33 20.87
N HIS E 32 -20.49 7.69 21.92
CA HIS E 32 -20.31 6.30 22.24
C HIS E 32 -20.65 5.55 21.00
N GLN E 33 -21.79 5.97 20.45
CA GLN E 33 -22.18 5.44 19.19
C GLN E 33 -21.06 5.79 18.21
N LYS E 34 -20.12 6.67 18.56
CA LYS E 34 -19.02 6.92 17.64
C LYS E 34 -18.19 5.64 17.47
N SER E 35 -17.98 4.87 18.55
CA SER E 35 -17.24 3.61 18.41
C SER E 35 -18.00 2.71 17.55
N VAL E 36 -19.31 2.62 17.72
CA VAL E 36 -20.02 1.74 16.86
C VAL E 36 -19.92 2.18 15.43
N GLU E 37 -20.01 3.47 15.12
CA GLU E 37 -19.90 3.93 13.74
C GLU E 37 -18.55 3.56 13.17
N ASN E 38 -17.49 3.74 13.94
CA ASN E 38 -16.18 3.33 13.47
C ASN E 38 -15.85 1.84 13.35
N ILE E 39 -16.34 1.03 14.29
CA ILE E 39 -16.00 -0.37 14.26
C ILE E 39 -16.87 -1.12 13.31
N GLU E 40 -18.17 -0.87 13.33
CA GLU E 40 -19.13 -1.48 12.43
C GLU E 40 -18.62 -1.37 11.01
N TYR E 41 -18.05 -0.22 10.64
CA TYR E 41 -17.47 -0.06 9.33
C TYR E 41 -16.37 -1.08 9.06
N ALA E 42 -15.42 -1.24 9.99
CA ALA E 42 -14.33 -2.18 9.79
C ALA E 42 -14.83 -3.60 9.60
N LYS E 43 -15.83 -3.99 10.36
CA LYS E 43 -16.34 -5.32 10.18
C LYS E 43 -17.02 -5.44 8.84
N TYR E 44 -17.79 -4.43 8.43
CA TYR E 44 -18.45 -4.49 7.14
C TYR E 44 -17.46 -4.74 6.04
N GLN E 45 -16.35 -4.01 6.05
CA GLN E 45 -15.41 -4.20 4.96
C GLN E 45 -14.88 -5.63 4.94
N ALA E 46 -14.65 -6.23 6.11
CA ALA E 46 -14.20 -7.62 6.13
C ALA E 46 -15.26 -8.57 5.58
N VAL E 47 -16.54 -8.27 5.87
CA VAL E 47 -17.64 -9.10 5.41
C VAL E 47 -17.73 -9.01 3.91
N LEU E 48 -17.58 -7.82 3.38
CA LEU E 48 -17.67 -7.62 1.96
C LEU E 48 -16.62 -8.45 1.24
N GLN E 49 -15.39 -8.47 1.75
CA GLN E 49 -14.38 -9.28 1.10
C GLN E 49 -14.64 -10.78 1.26
N ALA E 50 -15.11 -11.20 2.43
CA ALA E 50 -15.35 -12.61 2.66
C ALA E 50 -16.40 -13.16 1.73
N HIS E 51 -17.45 -12.38 1.45
CA HIS E 51 -18.46 -12.83 0.53
C HIS E 51 -18.03 -12.66 -0.93
N LYS E 52 -17.26 -11.62 -1.24
CA LYS E 52 -16.82 -11.45 -2.62
C LYS E 52 -16.05 -12.68 -3.08
N SER E 53 -15.24 -13.25 -2.20
CA SER E 53 -14.46 -14.44 -2.51
C SER E 53 -15.23 -15.73 -2.39
N LEU E 54 -16.44 -15.71 -1.85
CA LEU E 54 -17.21 -16.92 -1.67
C LEU E 54 -18.05 -17.15 -2.88
N TYR E 55 -18.54 -16.07 -3.47
CA TYR E 55 -19.43 -16.09 -4.61
C TYR E 55 -18.93 -16.97 -5.72
N LYS E 56 -17.63 -16.96 -6.01
CA LYS E 56 -17.11 -17.75 -7.12
C LYS E 56 -17.41 -19.25 -6.98
N LEU E 57 -17.64 -19.71 -5.77
CA LEU E 57 -17.91 -21.10 -5.47
C LEU E 57 -19.23 -21.51 -6.10
N LEU E 58 -20.11 -20.54 -6.35
CA LEU E 58 -21.43 -20.77 -6.89
C LEU E 58 -21.37 -21.21 -8.32
N ARG E 59 -20.25 -21.04 -9.02
CA ARG E 59 -20.30 -21.47 -10.39
C ARG E 59 -20.57 -22.97 -10.45
N PHE E 60 -20.18 -23.73 -9.42
CA PHE E 60 -20.36 -25.16 -9.40
C PHE E 60 -21.81 -25.56 -9.22
N THR E 61 -22.61 -24.67 -8.70
CA THR E 61 -23.98 -24.99 -8.35
C THR E 61 -24.95 -24.43 -9.38
N THR E 62 -24.43 -23.84 -10.45
CA THR E 62 -25.30 -23.20 -11.43
C THR E 62 -26.26 -24.14 -12.14
N ASN E 63 -27.40 -23.60 -12.53
CA ASN E 63 -28.41 -24.32 -13.28
C ASN E 63 -28.33 -24.02 -14.78
N THR E 64 -27.23 -23.40 -15.18
CA THR E 64 -26.93 -23.07 -16.56
C THR E 64 -25.70 -23.84 -16.98
N GLU E 65 -25.40 -23.86 -18.25
CA GLU E 65 -24.18 -24.57 -18.62
C GLU E 65 -23.00 -23.66 -18.32
N ASN E 66 -21.84 -24.28 -18.10
CA ASN E 66 -20.64 -23.56 -17.78
C ASN E 66 -19.42 -24.34 -18.26
N GLU E 67 -18.24 -23.79 -18.03
CA GLU E 67 -16.96 -24.41 -18.38
C GLU E 67 -16.77 -25.72 -17.62
N ASP E 68 -17.24 -25.74 -16.38
CA ASP E 68 -17.13 -26.88 -15.52
C ASP E 68 -18.50 -27.38 -15.00
N SER E 69 -19.06 -26.73 -13.98
CA SER E 69 -20.32 -27.15 -13.34
C SER E 69 -20.17 -28.52 -12.70
N ILE E 70 -21.25 -28.94 -12.07
CA ILE E 70 -21.37 -30.24 -11.46
C ILE E 70 -22.35 -31.06 -12.24
N LEU E 71 -23.46 -30.45 -12.55
CA LEU E 71 -24.51 -31.14 -13.22
C LEU E 71 -24.62 -30.62 -14.66
N ILE E 72 -24.86 -31.53 -15.63
CA ILE E 72 -25.09 -31.15 -17.04
C ILE E 72 -26.52 -31.46 -17.51
N TRP E 73 -27.16 -30.47 -18.11
CA TRP E 73 -28.54 -30.58 -18.59
C TRP E 73 -28.70 -31.23 -19.95
N GLU E 74 -29.67 -32.13 -20.07
CA GLU E 74 -29.93 -32.82 -21.32
C GLU E 74 -31.41 -33.17 -21.48
N LYS E 75 -31.91 -33.02 -22.70
CA LYS E 75 -33.31 -33.31 -23.00
C LYS E 75 -33.52 -33.53 -24.49
N TYR E 85 -31.70 -37.45 -17.65
CA TYR E 85 -30.60 -36.54 -17.93
C TYR E 85 -29.87 -36.14 -16.63
N TYR E 86 -29.50 -34.87 -16.46
CA TYR E 86 -28.83 -34.39 -15.25
C TYR E 86 -27.64 -35.24 -14.86
N PHE E 87 -26.67 -35.33 -15.73
CA PHE E 87 -25.55 -36.22 -15.43
C PHE E 87 -24.59 -35.52 -14.49
N ARG E 88 -24.06 -36.25 -13.52
CA ARG E 88 -23.04 -35.68 -12.66
C ARG E 88 -21.67 -35.76 -13.30
N LYS E 89 -20.84 -34.79 -13.01
CA LYS E 89 -19.47 -34.77 -13.44
C LYS E 89 -18.52 -35.05 -12.28
N GLU E 90 -17.28 -35.36 -12.61
CA GLU E 90 -16.29 -35.65 -11.59
C GLU E 90 -15.67 -34.38 -11.04
N ASN E 91 -16.21 -33.24 -11.49
CA ASN E 91 -15.83 -31.90 -11.07
C ASN E 91 -16.24 -31.68 -9.64
N ILE E 92 -16.97 -32.64 -9.08
CA ILE E 92 -17.30 -32.63 -7.68
C ILE E 92 -16.01 -32.56 -6.90
N ARG E 93 -14.92 -33.18 -7.37
CA ARG E 93 -13.67 -33.08 -6.64
C ARG E 93 -13.18 -31.63 -6.59
N LYS E 94 -13.41 -30.85 -7.66
CA LYS E 94 -12.95 -29.48 -7.67
C LYS E 94 -13.77 -28.70 -6.68
N PHE E 95 -15.08 -28.99 -6.64
CA PHE E 95 -15.97 -28.32 -5.71
C PHE E 95 -15.55 -28.52 -4.30
N ILE E 96 -15.27 -29.76 -3.90
CA ILE E 96 -14.91 -30.01 -2.52
C ILE E 96 -13.62 -29.27 -2.17
N LYS E 97 -12.63 -29.29 -3.06
CA LYS E 97 -11.39 -28.59 -2.74
C LYS E 97 -11.59 -27.08 -2.65
N GLU E 98 -12.40 -26.48 -3.53
CA GLU E 98 -12.62 -25.05 -3.48
C GLU E 98 -13.39 -24.70 -2.23
N LEU E 99 -14.31 -25.57 -1.83
CA LEU E 99 -15.10 -25.37 -0.64
C LEU E 99 -14.25 -25.33 0.61
N SER E 100 -13.32 -26.26 0.75
CA SER E 100 -12.47 -26.28 1.92
C SER E 100 -11.63 -25.02 2.01
N LYS E 101 -11.07 -24.60 0.87
CA LYS E 101 -10.27 -23.40 0.90
C LYS E 101 -11.06 -22.17 1.28
N GLU E 102 -12.26 -22.01 0.73
CA GLU E 102 -12.96 -20.78 1.03
C GLU E 102 -13.54 -20.72 2.43
N ILE E 103 -14.05 -21.84 2.94
CA ILE E 103 -14.66 -21.78 4.24
C ILE E 103 -13.63 -21.68 5.34
N TYR E 104 -12.56 -22.49 5.27
CA TYR E 104 -11.59 -22.44 6.34
C TYR E 104 -10.31 -21.72 6.03
N ASN E 105 -9.61 -22.08 4.96
CA ASN E 105 -8.27 -21.47 4.80
C ASN E 105 -8.29 -19.97 4.60
N GLU E 106 -9.31 -19.47 3.93
CA GLU E 106 -9.43 -18.04 3.67
C GLU E 106 -10.25 -17.32 4.75
N GLY E 107 -10.73 -18.07 5.73
CA GLY E 107 -11.52 -17.52 6.83
C GLY E 107 -12.95 -17.09 6.51
N CYS E 108 -13.56 -17.53 5.40
CA CYS E 108 -14.88 -17.04 5.09
C CYS E 108 -15.91 -17.42 6.13
N GLY E 109 -15.76 -18.60 6.73
CA GLY E 109 -16.71 -19.14 7.69
C GLY E 109 -17.06 -18.19 8.84
N ILE E 110 -16.19 -17.24 9.16
CA ILE E 110 -16.42 -16.28 10.22
C ILE E 110 -17.50 -15.27 9.89
N PHE E 111 -17.53 -14.79 8.65
CA PHE E 111 -18.36 -13.68 8.26
C PHE E 111 -19.61 -14.06 7.54
N MET E 112 -19.91 -15.34 7.52
CA MET E 112 -21.09 -15.81 6.85
C MET E 112 -22.05 -16.37 7.86
N SER E 113 -23.33 -16.24 7.55
CA SER E 113 -24.42 -16.66 8.39
C SER E 113 -24.58 -18.15 8.50
N LYS E 114 -25.33 -18.56 9.52
CA LYS E 114 -25.62 -19.97 9.72
C LYS E 114 -26.43 -20.52 8.57
N GLU E 115 -27.29 -19.70 7.98
CA GLU E 115 -28.10 -20.16 6.87
C GLU E 115 -27.21 -20.45 5.67
N ALA E 116 -26.25 -19.58 5.39
CA ALA E 116 -25.37 -19.85 4.26
C ALA E 116 -24.59 -21.12 4.47
N LEU E 117 -24.12 -21.34 5.70
CA LEU E 117 -23.35 -22.54 5.97
C LEU E 117 -24.20 -23.79 5.91
N SER E 118 -25.44 -23.71 6.37
CA SER E 118 -26.33 -24.86 6.32
C SER E 118 -26.61 -25.26 4.88
N LEU E 119 -26.87 -24.27 4.01
CA LEU E 119 -27.14 -24.55 2.61
C LEU E 119 -25.95 -25.16 1.91
N ILE E 120 -24.75 -24.67 2.21
CA ILE E 120 -23.57 -25.24 1.61
C ILE E 120 -23.37 -26.65 2.08
N SER E 121 -23.53 -26.89 3.38
CA SER E 121 -23.34 -28.22 3.93
C SER E 121 -24.29 -29.22 3.31
N GLU E 122 -25.57 -28.87 3.14
CA GLU E 122 -26.48 -29.80 2.52
C GLU E 122 -26.06 -30.09 1.09
N TYR E 123 -25.68 -29.06 0.34
CA TYR E 123 -25.29 -29.28 -1.03
C TYR E 123 -24.13 -30.24 -1.06
N ARG E 124 -23.12 -29.99 -0.21
CA ARG E 124 -21.93 -30.81 -0.16
C ARG E 124 -22.29 -32.25 0.05
N ASN E 125 -23.20 -32.53 0.98
CA ASN E 125 -23.56 -33.90 1.22
C ASN E 125 -24.28 -34.55 0.04
N ILE E 126 -25.03 -33.79 -0.75
CA ILE E 126 -25.70 -34.39 -1.89
C ILE E 126 -24.66 -34.82 -2.93
N VAL E 127 -23.73 -33.94 -3.26
CA VAL E 127 -22.74 -34.29 -4.28
C VAL E 127 -21.71 -35.29 -3.78
N TYR E 128 -21.36 -35.19 -2.51
CA TYR E 128 -20.42 -36.09 -1.92
C TYR E 128 -21.03 -37.48 -1.93
N GLY E 129 -22.29 -37.57 -1.52
CA GLY E 129 -22.99 -38.85 -1.50
C GLY E 129 -22.97 -39.51 -2.86
N PHE E 130 -23.20 -38.70 -3.90
CA PHE E 130 -23.21 -39.20 -5.27
C PHE E 130 -21.89 -39.88 -5.60
N MET E 131 -20.78 -39.23 -5.25
CA MET E 131 -19.47 -39.78 -5.51
C MET E 131 -19.24 -41.07 -4.73
N LEU E 132 -19.76 -41.12 -3.49
CA LEU E 132 -19.60 -42.31 -2.68
C LEU E 132 -20.35 -43.47 -3.30
N SER E 133 -21.51 -43.20 -3.89
CA SER E 133 -22.24 -44.27 -4.55
C SER E 133 -21.52 -44.74 -5.80
N ALA E 134 -20.90 -43.80 -6.53
CA ALA E 134 -20.22 -44.17 -7.77
C ALA E 134 -19.11 -45.20 -7.56
N GLN E 135 -18.34 -45.10 -6.47
CA GLN E 135 -17.30 -46.10 -6.22
C GLN E 135 -16.45 -46.33 -7.46
N ASN E 136 -16.58 -47.52 -8.06
CA ASN E 136 -15.79 -47.89 -9.22
C ASN E 136 -16.49 -47.30 -10.42
N ASN E 137 -16.42 -45.99 -10.48
CA ASN E 137 -17.12 -45.15 -11.38
C ASN E 137 -16.88 -45.55 -12.83
N PRO E 138 -17.90 -45.95 -13.61
CA PRO E 138 -17.80 -46.36 -14.99
C PRO E 138 -17.67 -45.16 -15.91
N GLN E 139 -16.54 -44.48 -15.78
CA GLN E 139 -16.20 -43.25 -16.50
C GLN E 139 -16.96 -42.07 -15.95
N GLU E 140 -16.73 -40.90 -16.50
CA GLU E 140 -17.39 -39.70 -15.99
C GLU E 140 -18.78 -39.58 -16.60
N THR E 141 -19.51 -38.55 -16.22
CA THR E 141 -20.84 -38.29 -16.76
C THR E 141 -21.83 -39.41 -16.43
N ILE E 142 -22.30 -39.42 -15.19
CA ILE E 142 -23.24 -40.46 -14.72
C ILE E 142 -24.66 -39.95 -14.47
N ARG E 143 -25.64 -40.60 -15.09
CA ARG E 143 -27.04 -40.17 -15.02
C ARG E 143 -27.63 -40.23 -13.63
N ILE E 144 -28.48 -39.25 -13.31
CA ILE E 144 -29.15 -39.27 -12.02
C ILE E 144 -30.59 -39.67 -12.23
N THR E 145 -30.99 -40.75 -11.58
CA THR E 145 -32.34 -41.25 -11.77
C THR E 145 -33.34 -40.77 -10.70
N ASN E 146 -32.84 -40.32 -9.55
CA ASN E 146 -33.74 -39.82 -8.52
C ASN E 146 -33.78 -38.31 -8.59
N ARG E 147 -34.85 -37.79 -9.17
CA ARG E 147 -34.98 -36.36 -9.44
C ARG E 147 -35.11 -35.49 -8.22
N GLU E 148 -35.32 -36.08 -7.06
CA GLU E 148 -35.43 -35.27 -5.87
C GLU E 148 -34.08 -34.59 -5.59
N SER E 149 -32.97 -35.26 -5.90
CA SER E 149 -31.67 -34.69 -5.62
C SER E 149 -31.42 -33.54 -6.58
N VAL E 150 -31.89 -33.70 -7.81
CA VAL E 150 -31.70 -32.69 -8.82
C VAL E 150 -32.46 -31.43 -8.48
N GLU E 151 -33.71 -31.58 -8.09
CA GLU E 151 -34.51 -30.43 -7.75
C GLU E 151 -34.00 -29.78 -6.47
N ARG E 152 -33.52 -30.57 -5.51
CA ARG E 152 -33.05 -29.95 -4.30
C ARG E 152 -31.77 -29.17 -4.56
N MET E 153 -30.87 -29.68 -5.40
CA MET E 153 -29.67 -28.92 -5.69
C MET E 153 -30.00 -27.59 -6.34
N LYS E 154 -30.98 -27.58 -7.26
CA LYS E 154 -31.34 -26.31 -7.87
C LYS E 154 -31.91 -25.33 -6.86
N LYS E 155 -32.73 -25.82 -5.94
CA LYS E 155 -33.30 -24.93 -4.94
C LYS E 155 -32.22 -24.38 -4.04
N ILE E 156 -31.22 -25.18 -3.69
CA ILE E 156 -30.14 -24.68 -2.86
C ILE E 156 -29.43 -23.61 -3.63
N HIS E 157 -29.14 -23.82 -4.90
CA HIS E 157 -28.46 -22.76 -5.64
C HIS E 157 -29.19 -21.45 -5.50
N GLN E 158 -30.51 -21.45 -5.69
CA GLN E 158 -31.22 -20.18 -5.59
C GLN E 158 -31.18 -19.59 -4.18
N ASN E 159 -31.33 -20.43 -3.15
CA ASN E 159 -31.35 -19.90 -1.81
C ASN E 159 -29.98 -19.39 -1.38
N LEU E 160 -28.93 -20.06 -1.82
CA LEU E 160 -27.59 -19.71 -1.46
C LEU E 160 -27.17 -18.47 -2.19
N SER E 161 -27.54 -18.34 -3.46
CA SER E 161 -27.19 -17.17 -4.24
C SER E 161 -27.79 -15.94 -3.58
N ILE E 162 -29.05 -16.04 -3.13
CA ILE E 162 -29.69 -14.92 -2.47
C ILE E 162 -29.04 -14.64 -1.12
N GLU E 163 -28.77 -15.67 -0.32
CA GLU E 163 -28.18 -15.43 0.99
C GLU E 163 -26.82 -14.77 0.88
N ILE E 164 -26.01 -15.16 -0.11
CA ILE E 164 -24.72 -14.51 -0.27
C ILE E 164 -24.93 -13.09 -0.76
N ARG E 165 -25.79 -12.89 -1.76
CA ARG E 165 -26.02 -11.57 -2.33
C ARG E 165 -26.52 -10.55 -1.31
N GLN E 166 -27.33 -10.96 -0.36
CA GLN E 166 -27.87 -10.03 0.60
C GLN E 166 -26.98 -9.86 1.82
N ALA E 167 -25.88 -10.59 1.91
CA ALA E 167 -25.01 -10.55 3.08
C ALA E 167 -24.40 -9.18 3.31
N ILE E 168 -24.22 -8.44 2.23
CA ILE E 168 -23.61 -7.15 2.25
C ILE E 168 -24.57 -6.04 1.88
N ASN E 169 -25.87 -6.33 1.88
CA ASN E 169 -26.88 -5.39 1.42
C ASN E 169 -27.83 -4.89 2.49
N LEU E 170 -27.38 -4.82 3.74
CA LEU E 170 -28.28 -4.41 4.83
C LEU E 170 -28.26 -2.93 5.26
N LYS E 171 -27.50 -2.06 4.55
CA LYS E 171 -27.36 -0.62 4.83
C LYS E 171 -27.78 0.16 3.59
N ALA F 19 -40.79 20.91 19.80
CA ALA F 19 -39.63 21.19 18.97
C ALA F 19 -38.39 20.48 19.50
N ALA F 20 -38.20 20.53 20.81
CA ALA F 20 -37.05 19.90 21.43
C ALA F 20 -37.07 18.39 21.21
N TYR F 21 -38.25 17.79 21.33
CA TYR F 21 -38.38 16.36 21.12
C TYR F 21 -38.01 15.99 19.69
N VAL F 22 -38.47 16.80 18.75
CA VAL F 22 -38.16 16.55 17.34
C VAL F 22 -36.66 16.69 17.07
N ALA F 23 -36.03 17.66 17.73
CA ALA F 23 -34.60 17.88 17.56
C ALA F 23 -33.78 16.64 17.91
N TYR F 24 -34.19 15.96 18.97
CA TYR F 24 -33.49 14.75 19.41
C TYR F 24 -33.62 13.66 18.35
N TYR F 25 -34.82 13.54 17.78
CA TYR F 25 -35.07 12.57 16.74
C TYR F 25 -34.21 12.87 15.51
N TYR F 26 -34.09 14.16 15.17
CA TYR F 26 -33.26 14.55 14.03
C TYR F 26 -31.80 14.20 14.29
N ALA F 27 -31.35 14.42 15.53
CA ALA F 27 -29.99 14.12 15.92
C ALA F 27 -29.68 12.64 15.71
N ILE F 28 -30.53 11.78 16.26
CA ILE F 28 -30.34 10.34 16.10
C ILE F 28 -30.37 9.92 14.63
N LYS F 29 -31.25 10.53 13.85
CA LYS F 29 -31.35 10.23 12.43
C LYS F 29 -30.08 10.67 11.71
N GLN F 30 -29.57 11.81 12.13
CA GLN F 30 -28.39 12.44 11.57
C GLN F 30 -27.11 11.65 11.84
N LEU F 31 -26.93 11.11 13.05
CA LEU F 31 -25.69 10.40 13.23
C LEU F 31 -25.75 9.02 12.63
N HIS F 32 -26.88 8.37 12.92
CA HIS F 32 -27.21 7.02 12.51
C HIS F 32 -26.97 6.96 11.06
N GLN F 33 -27.32 8.07 10.44
CA GLN F 33 -27.06 8.22 9.07
C GLN F 33 -25.55 8.30 8.93
N LYS F 34 -24.79 8.66 9.96
CA LYS F 34 -23.34 8.69 9.76
C LYS F 34 -22.72 7.31 9.46
N SER F 35 -23.20 6.28 10.17
CA SER F 35 -22.71 4.93 9.92
C SER F 35 -23.09 4.55 8.50
N VAL F 36 -24.31 4.88 8.07
CA VAL F 36 -24.74 4.58 6.70
C VAL F 36 -23.93 5.36 5.67
N GLU F 37 -23.51 6.55 6.00
CA GLU F 37 -22.67 7.35 5.14
C GLU F 37 -21.35 6.65 4.96
N ASN F 38 -20.79 6.03 6.00
CA ASN F 38 -19.52 5.33 5.76
C ASN F 38 -19.50 3.92 5.10
N ILE F 39 -20.59 3.20 5.18
CA ILE F 39 -20.78 1.92 4.55
C ILE F 39 -21.24 2.09 3.12
N GLU F 40 -22.16 3.01 2.85
CA GLU F 40 -22.59 3.21 1.47
C GLU F 40 -21.37 3.55 0.62
N TYR F 41 -20.46 4.36 1.15
CA TYR F 41 -19.24 4.67 0.43
C TYR F 41 -18.43 3.42 0.13
N ALA F 42 -18.20 2.56 1.13
CA ALA F 42 -17.41 1.35 0.92
C ALA F 42 -18.02 0.45 -0.14
N LYS F 43 -19.33 0.34 -0.14
CA LYS F 43 -19.94 -0.49 -1.14
C LYS F 43 -19.78 0.14 -2.49
N TYR F 44 -19.96 1.47 -2.60
CA TYR F 44 -19.81 2.12 -3.89
C TYR F 44 -18.45 1.84 -4.47
N GLN F 45 -17.40 1.95 -3.67
CA GLN F 45 -16.09 1.73 -4.24
C GLN F 45 -15.97 0.31 -4.78
N ALA F 46 -16.54 -0.68 -4.10
CA ALA F 46 -16.49 -2.05 -4.61
C ALA F 46 -17.26 -2.17 -5.92
N VAL F 47 -18.38 -1.46 -6.04
CA VAL F 47 -19.20 -1.51 -7.24
C VAL F 47 -18.45 -0.90 -8.39
N LEU F 48 -17.77 0.19 -8.14
CA LEU F 48 -17.02 0.86 -9.16
C LEU F 48 -15.96 -0.05 -9.73
N GLN F 49 -15.24 -0.79 -8.88
CA GLN F 49 -14.24 -1.70 -9.40
C GLN F 49 -14.87 -2.88 -10.14
N ALA F 50 -15.98 -3.42 -9.63
CA ALA F 50 -16.62 -4.55 -10.26
C ALA F 50 -17.07 -4.25 -11.66
N HIS F 51 -17.59 -3.03 -11.88
CA HIS F 51 -18.01 -2.66 -13.22
C HIS F 51 -16.83 -2.23 -14.09
N LYS F 52 -15.80 -1.60 -13.50
CA LYS F 52 -14.66 -1.21 -14.30
C LYS F 52 -14.05 -2.42 -15.00
N SER F 53 -14.01 -3.55 -14.30
CA SER F 53 -13.46 -4.79 -14.83
C SER F 53 -14.43 -5.57 -15.70
N LEU F 54 -15.70 -5.19 -15.74
CA LEU F 54 -16.68 -5.92 -16.50
C LEU F 54 -16.75 -5.34 -17.88
N TYR F 55 -16.59 -4.03 -17.97
CA TYR F 55 -16.69 -3.27 -19.20
C TYR F 55 -15.87 -3.87 -20.31
N LYS F 56 -14.66 -4.34 -20.03
CA LYS F 56 -13.81 -4.88 -21.09
C LYS F 56 -14.45 -6.03 -21.85
N LEU F 57 -15.40 -6.71 -21.25
CA LEU F 57 -16.09 -7.84 -21.82
C LEU F 57 -16.89 -7.39 -23.03
N LEU F 58 -17.27 -6.12 -23.05
CA LEU F 58 -18.07 -5.55 -24.11
C LEU F 58 -17.34 -5.46 -25.40
N ARG F 59 -16.03 -5.59 -25.42
CA ARG F 59 -15.41 -5.49 -26.72
C ARG F 59 -15.92 -6.59 -27.63
N PHE F 60 -16.34 -7.73 -27.07
CA PHE F 60 -16.80 -8.86 -27.86
C PHE F 60 -18.16 -8.61 -28.48
N THR F 61 -18.90 -7.67 -27.93
CA THR F 61 -20.26 -7.46 -28.36
C THR F 61 -20.37 -6.22 -29.23
N THR F 62 -19.23 -5.61 -29.56
CA THR F 62 -19.27 -4.37 -30.33
C THR F 62 -19.85 -4.50 -31.71
N ASN F 63 -20.44 -3.40 -32.18
CA ASN F 63 -21.01 -3.30 -33.52
C ASN F 63 -20.05 -2.61 -34.48
N THR F 64 -18.81 -2.45 -34.06
CA THR F 64 -17.75 -1.85 -34.85
C THR F 64 -16.69 -2.91 -35.09
N GLU F 65 -15.76 -2.65 -35.96
CA GLU F 65 -14.72 -3.66 -36.12
C GLU F 65 -13.73 -3.53 -35.00
N ASN F 66 -13.05 -4.62 -34.69
CA ASN F 66 -12.10 -4.66 -33.61
C ASN F 66 -11.02 -5.70 -33.91
N GLU F 67 -10.07 -5.85 -32.99
CA GLU F 67 -8.99 -6.81 -33.09
C GLU F 67 -9.52 -8.23 -33.09
N ASP F 68 -10.58 -8.44 -32.34
CA ASP F 68 -11.22 -9.73 -32.20
C ASP F 68 -12.72 -9.71 -32.58
N SER F 69 -13.58 -9.25 -31.69
CA SER F 69 -15.03 -9.25 -31.88
C SER F 69 -15.57 -10.66 -32.03
N ILE F 70 -16.87 -10.74 -32.17
CA ILE F 70 -17.60 -11.97 -32.42
C ILE F 70 -18.14 -11.97 -33.80
N LEU F 71 -18.74 -10.86 -34.15
CA LEU F 71 -19.37 -10.75 -35.43
C LEU F 71 -18.55 -9.80 -36.31
N ILE F 72 -18.42 -10.13 -37.62
CA ILE F 72 -17.75 -9.26 -38.60
C ILE F 72 -18.72 -8.73 -39.67
N TRP F 73 -18.69 -7.42 -39.88
CA TRP F 73 -19.57 -6.74 -40.83
C TRP F 73 -19.09 -6.77 -42.29
N GLU F 74 -20.02 -7.05 -43.20
CA GLU F 74 -19.70 -7.12 -44.61
C GLU F 74 -20.88 -6.68 -45.48
N LYS F 75 -20.59 -5.95 -46.54
CA LYS F 75 -21.63 -5.48 -47.45
C LYS F 75 -21.04 -5.10 -48.81
N TYR F 85 -21.61 -11.67 -44.83
CA TYR F 85 -22.64 -10.92 -44.12
C TYR F 85 -22.82 -11.42 -42.68
N TYR F 86 -22.45 -10.58 -41.74
CA TYR F 86 -22.46 -10.88 -40.30
C TYR F 86 -21.90 -12.25 -39.98
N PHE F 87 -20.65 -12.48 -40.32
CA PHE F 87 -20.11 -13.80 -40.10
C PHE F 87 -19.69 -13.95 -38.67
N ARG F 88 -19.94 -15.12 -38.08
CA ARG F 88 -19.47 -15.38 -36.73
C ARG F 88 -18.03 -15.84 -36.74
N LYS F 89 -17.31 -15.50 -35.69
CA LYS F 89 -15.96 -15.96 -35.50
C LYS F 89 -15.89 -16.98 -34.38
N GLU F 90 -14.78 -17.69 -34.31
CA GLU F 90 -14.59 -18.71 -33.29
C GLU F 90 -14.11 -18.10 -31.99
N ASN F 91 -14.06 -16.76 -31.97
CA ASN F 91 -13.69 -15.94 -30.82
C ASN F 91 -14.76 -16.05 -29.77
N ILE F 92 -15.86 -16.72 -30.09
CA ILE F 92 -16.89 -17.01 -29.14
C ILE F 92 -16.26 -17.78 -28.00
N ARG F 93 -15.25 -18.63 -28.26
CA ARG F 93 -14.61 -19.34 -27.17
C ARG F 93 -13.93 -18.36 -26.21
N LYS F 94 -13.37 -17.26 -26.72
CA LYS F 94 -12.69 -16.32 -25.86
C LYS F 94 -13.72 -15.62 -25.01
N PHE F 95 -14.87 -15.30 -25.63
CA PHE F 95 -15.95 -14.64 -24.93
C PHE F 95 -16.43 -15.47 -23.76
N ILE F 96 -16.69 -16.75 -23.99
CA ILE F 96 -17.20 -17.57 -22.91
C ILE F 96 -16.19 -17.65 -21.77
N LYS F 97 -14.91 -17.81 -22.08
CA LYS F 97 -13.93 -17.88 -21.00
C LYS F 97 -13.81 -16.56 -20.24
N GLU F 98 -13.86 -15.42 -20.94
CA GLU F 98 -13.74 -14.14 -20.24
C GLU F 98 -14.98 -13.92 -19.40
N LEU F 99 -16.13 -14.36 -19.89
CA LEU F 99 -17.38 -14.23 -19.18
C LEU F 99 -17.36 -14.99 -17.88
N SER F 100 -16.90 -16.22 -17.88
CA SER F 100 -16.85 -17.00 -16.65
C SER F 100 -15.94 -16.36 -15.62
N LYS F 101 -14.78 -15.88 -16.07
CA LYS F 101 -13.88 -15.25 -15.13
C LYS F 101 -14.47 -13.99 -14.53
N GLU F 102 -15.10 -13.14 -15.33
CA GLU F 102 -15.56 -11.90 -14.73
C GLU F 102 -16.79 -12.06 -13.86
N ILE F 103 -17.71 -12.92 -14.23
CA ILE F 103 -18.91 -13.02 -13.43
C ILE F 103 -18.65 -13.77 -12.13
N TYR F 104 -17.93 -14.89 -12.18
CA TYR F 104 -17.73 -15.63 -10.96
C TYR F 104 -16.36 -15.49 -10.35
N ASN F 105 -15.28 -15.76 -11.08
CA ASN F 105 -13.99 -15.80 -10.37
C ASN F 105 -13.57 -14.47 -9.77
N GLU F 106 -13.91 -13.38 -10.43
CA GLU F 106 -13.55 -12.04 -9.96
C GLU F 106 -14.65 -11.44 -9.07
N GLY F 107 -15.74 -12.16 -8.88
CA GLY F 107 -16.86 -11.72 -8.06
C GLY F 107 -17.75 -10.63 -8.65
N CYS F 108 -17.73 -10.36 -9.95
CA CYS F 108 -18.53 -9.26 -10.46
C CYS F 108 -20.01 -9.45 -10.24
N GLY F 109 -20.47 -10.69 -10.31
CA GLY F 109 -21.88 -11.04 -10.22
C GLY F 109 -22.59 -10.46 -8.98
N ILE F 110 -21.84 -10.17 -7.92
CA ILE F 110 -22.40 -9.61 -6.70
C ILE F 110 -22.88 -8.17 -6.85
N PHE F 111 -22.12 -7.37 -7.58
CA PHE F 111 -22.33 -5.93 -7.63
C PHE F 111 -23.03 -5.46 -8.88
N MET F 112 -23.54 -6.39 -9.64
CA MET F 112 -24.24 -6.04 -10.85
C MET F 112 -25.69 -6.41 -10.73
N SER F 113 -26.52 -5.63 -11.40
CA SER F 113 -27.95 -5.77 -11.38
C SER F 113 -28.46 -6.98 -12.12
N LYS F 114 -29.72 -7.32 -11.83
CA LYS F 114 -30.37 -8.42 -12.51
C LYS F 114 -30.52 -8.15 -13.98
N GLU F 115 -30.71 -6.89 -14.35
CA GLU F 115 -30.86 -6.57 -15.75
C GLU F 115 -29.55 -6.81 -16.48
N ALA F 116 -28.43 -6.42 -15.88
CA ALA F 116 -27.16 -6.66 -16.55
C ALA F 116 -26.92 -8.15 -16.72
N LEU F 117 -27.26 -8.94 -15.71
CA LEU F 117 -27.05 -10.37 -15.82
C LEU F 117 -27.97 -11.00 -16.83
N SER F 118 -29.22 -10.53 -16.92
CA SER F 118 -30.15 -11.08 -17.88
C SER F 118 -29.67 -10.82 -19.29
N LEU F 119 -29.20 -9.59 -19.56
CA LEU F 119 -28.72 -9.25 -20.89
C LEU F 119 -27.51 -10.07 -21.28
N ILE F 120 -26.59 -10.29 -20.34
CA ILE F 120 -25.42 -11.09 -20.64
C ILE F 120 -25.82 -12.51 -20.91
N SER F 121 -26.72 -13.07 -20.10
CA SER F 121 -27.15 -14.44 -20.27
C SER F 121 -27.80 -14.65 -21.62
N GLU F 122 -28.67 -13.72 -22.06
CA GLU F 122 -29.27 -13.90 -23.37
C GLU F 122 -28.21 -13.86 -24.45
N TYR F 123 -27.27 -12.93 -24.37
CA TYR F 123 -26.25 -12.84 -25.39
C TYR F 123 -25.50 -14.14 -25.45
N ARG F 124 -25.11 -14.66 -24.28
CA ARG F 124 -24.36 -15.89 -24.20
C ARG F 124 -25.07 -17.00 -24.91
N ASN F 125 -26.37 -17.13 -24.69
CA ASN F 125 -27.09 -18.20 -25.32
C ASN F 125 -27.17 -18.03 -26.84
N ILE F 126 -27.17 -16.80 -27.36
CA ILE F 126 -27.22 -16.63 -28.79
C ILE F 126 -25.92 -17.12 -29.43
N VAL F 127 -24.79 -16.70 -28.86
CA VAL F 127 -23.51 -17.08 -29.45
C VAL F 127 -23.16 -18.54 -29.18
N TYR F 128 -23.55 -19.02 -28.01
CA TYR F 128 -23.31 -20.40 -27.65
C TYR F 128 -24.11 -21.27 -28.60
N GLY F 129 -25.37 -20.92 -28.82
CA GLY F 129 -26.22 -21.69 -29.71
C GLY F 129 -25.60 -21.79 -31.10
N PHE F 130 -25.04 -20.68 -31.56
CA PHE F 130 -24.41 -20.63 -32.88
C PHE F 130 -23.32 -21.69 -32.98
N MET F 131 -22.48 -21.76 -31.94
CA MET F 131 -21.39 -22.72 -31.92
C MET F 131 -21.91 -24.15 -31.89
N LEU F 132 -23.01 -24.37 -31.16
CA LEU F 132 -23.59 -25.70 -31.07
C LEU F 132 -24.11 -26.12 -32.43
N SER F 133 -24.66 -25.19 -33.20
CA SER F 133 -25.13 -25.55 -34.53
C SER F 133 -23.96 -25.85 -35.45
N ALA F 134 -22.85 -25.10 -35.30
CA ALA F 134 -21.70 -25.30 -36.18
C ALA F 134 -21.16 -26.73 -36.12
N GLN F 135 -21.11 -27.34 -34.93
CA GLN F 135 -20.61 -28.72 -34.84
C GLN F 135 -19.30 -28.88 -35.59
N ASN F 136 -19.33 -29.62 -36.70
CA ASN F 136 -18.13 -29.90 -37.48
C ASN F 136 -17.93 -28.71 -38.38
N ASN F 137 -17.55 -27.64 -37.73
CA ASN F 137 -17.44 -26.32 -38.28
C ASN F 137 -16.54 -26.30 -39.50
N PRO F 138 -17.03 -25.91 -40.69
CA PRO F 138 -16.28 -25.86 -41.93
C PRO F 138 -15.41 -24.61 -41.98
N GLN F 139 -14.42 -24.59 -41.10
CA GLN F 139 -13.48 -23.48 -40.90
C GLN F 139 -14.15 -22.34 -40.17
N GLU F 140 -13.40 -21.27 -39.91
CA GLU F 140 -13.96 -20.15 -39.17
C GLU F 140 -14.73 -19.24 -40.11
N THR F 141 -15.30 -18.18 -39.57
CA THR F 141 -16.02 -17.18 -40.37
C THR F 141 -17.24 -17.79 -41.07
N ILE F 142 -18.31 -18.00 -40.30
CA ILE F 142 -19.54 -18.61 -40.83
C ILE F 142 -20.72 -17.62 -40.92
N ARG F 143 -21.32 -17.53 -42.10
CA ARG F 143 -22.39 -16.58 -42.37
C ARG F 143 -23.64 -16.80 -41.55
N ILE F 144 -24.29 -15.73 -41.13
CA ILE F 144 -25.55 -15.87 -40.42
C ILE F 144 -26.68 -15.48 -41.32
N THR F 145 -27.60 -16.41 -41.53
CA THR F 145 -28.69 -16.18 -42.44
C THR F 145 -29.97 -15.69 -41.77
N ASN F 146 -30.11 -15.89 -40.46
CA ASN F 146 -31.29 -15.43 -39.76
C ASN F 146 -30.97 -14.12 -39.06
N ARG F 147 -31.39 -13.02 -39.65
CA ARG F 147 -31.03 -11.69 -39.19
C ARG F 147 -31.62 -11.30 -37.86
N GLU F 148 -32.56 -12.07 -37.34
CA GLU F 148 -33.11 -11.74 -36.05
C GLU F 148 -32.04 -11.86 -34.98
N SER F 149 -31.11 -12.82 -35.13
CA SER F 149 -30.08 -13.00 -34.12
C SER F 149 -29.11 -11.85 -34.19
N VAL F 150 -28.85 -11.37 -35.39
CA VAL F 150 -27.92 -10.28 -35.58
C VAL F 150 -28.45 -9.00 -34.98
N GLU F 151 -29.72 -8.70 -35.24
CA GLU F 151 -30.28 -7.50 -34.70
C GLU F 151 -30.44 -7.60 -33.19
N ARG F 152 -30.74 -8.79 -32.66
CA ARG F 152 -30.89 -8.88 -31.23
C ARG F 152 -29.55 -8.71 -30.55
N MET F 153 -28.46 -9.26 -31.10
CA MET F 153 -27.17 -9.07 -30.48
C MET F 153 -26.80 -7.59 -30.44
N LYS F 154 -27.08 -6.85 -31.51
CA LYS F 154 -26.76 -5.44 -31.47
C LYS F 154 -27.56 -4.69 -30.42
N LYS F 155 -28.84 -5.04 -30.27
CA LYS F 155 -29.65 -4.36 -29.28
C LYS F 155 -29.15 -4.67 -27.89
N ILE F 156 -28.72 -5.92 -27.64
CA ILE F 156 -28.18 -6.24 -26.34
C ILE F 156 -26.95 -5.42 -26.10
N HIS F 157 -26.06 -5.31 -27.08
CA HIS F 157 -24.88 -4.49 -26.86
C HIS F 157 -25.27 -3.11 -26.36
N GLN F 158 -26.23 -2.46 -27.01
CA GLN F 158 -26.59 -1.12 -26.57
C GLN F 158 -27.19 -1.10 -25.17
N ASN F 159 -28.06 -2.07 -24.86
CA ASN F 159 -28.69 -2.06 -23.56
C ASN F 159 -27.72 -2.39 -22.44
N LEU F 160 -26.77 -3.26 -22.72
CA LEU F 160 -25.81 -3.69 -21.74
C LEU F 160 -24.79 -2.60 -21.52
N SER F 161 -24.37 -1.91 -22.58
CA SER F 161 -23.42 -0.84 -22.45
C SER F 161 -23.99 0.24 -21.56
N ILE F 162 -25.27 0.57 -21.74
CA ILE F 162 -25.91 1.57 -20.91
C ILE F 162 -26.06 1.08 -19.47
N GLU F 163 -26.49 -0.16 -19.27
CA GLU F 163 -26.70 -0.65 -17.91
C GLU F 163 -25.39 -0.68 -17.14
N ILE F 164 -24.27 -1.04 -17.78
CA ILE F 164 -23.00 -1.02 -17.08
C ILE F 164 -22.59 0.42 -16.83
N ARG F 165 -22.70 1.30 -17.83
CA ARG F 165 -22.29 2.68 -17.69
C ARG F 165 -23.02 3.42 -16.57
N GLN F 166 -24.29 3.14 -16.37
CA GLN F 166 -25.05 3.83 -15.36
C GLN F 166 -24.96 3.18 -13.98
N ALA F 167 -24.27 2.05 -13.86
CA ALA F 167 -24.20 1.32 -12.60
C ALA F 167 -23.54 2.11 -11.50
N ILE F 168 -22.65 3.00 -11.89
CA ILE F 168 -21.88 3.80 -10.98
C ILE F 168 -22.21 5.27 -11.07
N ASN F 169 -23.34 5.61 -11.73
CA ASN F 169 -23.69 7.00 -11.99
C ASN F 169 -24.93 7.48 -11.27
N LEU F 170 -25.23 6.93 -10.11
CA LEU F 170 -26.48 7.32 -9.41
C LEU F 170 -26.37 8.41 -8.31
N LYS F 171 -25.17 9.02 -8.12
CA LYS F 171 -24.90 10.07 -7.13
C LYS F 171 -24.39 11.31 -7.84
N ALA G 19 -38.64 29.05 10.21
CA ALA G 19 -37.20 28.87 10.42
C ALA G 19 -36.89 27.45 10.89
N ALA G 20 -37.69 26.97 11.84
CA ALA G 20 -37.48 25.62 12.37
C ALA G 20 -37.66 24.58 11.28
N TYR G 21 -38.66 24.77 10.43
CA TYR G 21 -38.91 23.83 9.35
C TYR G 21 -37.73 23.79 8.39
N VAL G 22 -37.18 24.97 8.08
CA VAL G 22 -36.04 25.06 7.20
C VAL G 22 -34.81 24.39 7.81
N ALA G 23 -34.65 24.55 9.12
CA ALA G 23 -33.52 23.98 9.84
C ALA G 23 -33.38 22.46 9.67
N TYR G 24 -34.42 21.73 10.05
CA TYR G 24 -34.39 20.28 9.95
C TYR G 24 -34.42 19.86 8.47
N TYR G 25 -35.17 20.58 7.64
CA TYR G 25 -35.23 20.33 6.20
C TYR G 25 -33.85 20.61 5.62
N TYR G 26 -33.25 21.71 6.10
CA TYR G 26 -31.92 22.11 5.70
C TYR G 26 -30.95 21.02 6.13
N ALA G 27 -31.12 20.48 7.33
CA ALA G 27 -30.25 19.42 7.81
C ALA G 27 -30.38 18.20 6.91
N ILE G 28 -31.59 17.81 6.51
CA ILE G 28 -31.68 16.64 5.64
C ILE G 28 -31.00 16.91 4.29
N LYS G 29 -31.15 18.12 3.76
CA LYS G 29 -30.49 18.46 2.50
C LYS G 29 -28.96 18.43 2.61
N GLN G 30 -28.47 18.91 3.75
CA GLN G 30 -27.04 19.04 4.06
C GLN G 30 -26.22 17.76 4.25
N LEU G 31 -26.51 17.00 5.31
CA LEU G 31 -25.76 15.79 5.58
C LEU G 31 -25.78 14.86 4.37
N HIS G 32 -26.99 14.73 3.83
CA HIS G 32 -27.33 13.88 2.72
C HIS G 32 -26.35 14.20 1.66
N GLN G 33 -26.13 15.50 1.53
CA GLN G 33 -25.14 15.95 0.62
C GLN G 33 -23.80 15.39 1.10
N LYS G 34 -23.71 14.84 2.31
CA LYS G 34 -22.43 14.26 2.71
C LYS G 34 -22.08 13.05 1.82
N SER G 35 -23.09 12.24 1.47
CA SER G 35 -22.85 11.11 0.58
C SER G 35 -22.38 11.65 -0.74
N VAL G 36 -23.01 12.70 -1.26
CA VAL G 36 -22.53 13.23 -2.51
C VAL G 36 -21.11 13.79 -2.39
N GLU G 37 -20.76 14.40 -1.27
CA GLU G 37 -19.42 14.92 -1.06
C GLU G 37 -18.41 13.80 -1.12
N ASN G 38 -18.72 12.64 -0.55
CA ASN G 38 -17.74 11.54 -0.62
C ASN G 38 -17.68 10.72 -1.93
N ILE G 39 -18.80 10.14 -2.32
CA ILE G 39 -18.89 9.37 -3.53
C ILE G 39 -18.43 10.18 -4.72
N GLU G 40 -18.84 11.44 -4.83
CA GLU G 40 -18.38 12.25 -5.95
C GLU G 40 -16.86 12.27 -5.97
N TYR G 41 -16.23 12.38 -4.80
CA TYR G 41 -14.79 12.32 -4.72
C TYR G 41 -14.24 11.01 -5.28
N ALA G 42 -14.80 9.87 -4.84
CA ALA G 42 -14.29 8.59 -5.33
C ALA G 42 -14.40 8.44 -6.82
N LYS G 43 -15.50 8.93 -7.40
CA LYS G 43 -15.62 8.83 -8.82
C LYS G 43 -14.61 9.73 -9.47
N TYR G 44 -14.41 10.96 -8.96
CA TYR G 44 -13.43 11.86 -9.56
C TYR G 44 -12.09 11.20 -9.64
N GLN G 45 -11.65 10.57 -8.56
CA GLN G 45 -10.33 9.99 -8.60
C GLN G 45 -10.24 8.93 -9.69
N ALA G 46 -11.29 8.13 -9.88
CA ALA G 46 -11.26 7.14 -10.95
C ALA G 46 -11.20 7.80 -12.33
N VAL G 47 -11.89 8.92 -12.49
CA VAL G 47 -11.90 9.65 -13.75
C VAL G 47 -10.53 10.19 -14.04
N LEU G 48 -9.89 10.72 -13.03
CA LEU G 48 -8.58 11.28 -13.20
C LEU G 48 -7.61 10.24 -13.69
N GLN G 49 -7.65 9.03 -13.12
CA GLN G 49 -6.75 7.99 -13.61
C GLN G 49 -7.11 7.52 -15.01
N ALA G 50 -8.40 7.40 -15.32
CA ALA G 50 -8.82 6.94 -16.63
C ALA G 50 -8.36 7.86 -17.72
N HIS G 51 -8.39 9.18 -17.48
CA HIS G 51 -7.91 10.11 -18.49
C HIS G 51 -6.40 10.22 -18.48
N LYS G 52 -5.76 10.10 -17.33
CA LYS G 52 -4.31 10.18 -17.29
C LYS G 52 -3.70 9.12 -18.21
N SER G 53 -4.30 7.93 -18.23
CA SER G 53 -3.82 6.84 -19.05
C SER G 53 -4.30 6.90 -20.50
N LEU G 54 -5.23 7.79 -20.82
CA LEU G 54 -5.76 7.87 -22.16
C LEU G 54 -4.93 8.84 -22.94
N TYR G 55 -4.47 9.89 -22.29
CA TYR G 55 -3.73 10.96 -22.91
C TYR G 55 -2.57 10.46 -23.74
N LYS G 56 -1.85 9.45 -23.30
CA LYS G 56 -0.70 8.96 -24.06
C LYS G 56 -1.05 8.53 -25.47
N LEU G 57 -2.30 8.19 -25.72
CA LEU G 57 -2.78 7.74 -27.01
C LEU G 57 -2.68 8.86 -28.01
N LEU G 58 -2.69 10.10 -27.54
CA LEU G 58 -2.65 11.28 -28.37
C LEU G 58 -1.34 11.45 -29.05
N ARG G 59 -0.28 10.77 -28.62
CA ARG G 59 0.95 11.00 -29.33
C ARG G 59 0.79 10.59 -30.79
N PHE G 60 -0.10 9.65 -31.09
CA PHE G 60 -0.28 9.18 -32.45
C PHE G 60 -0.99 10.19 -33.32
N THR G 61 -1.68 11.12 -32.72
CA THR G 61 -2.50 12.05 -33.46
C THR G 61 -1.84 13.42 -33.55
N THR G 62 -0.61 13.53 -33.05
CA THR G 62 0.06 14.82 -33.03
C THR G 62 0.31 15.42 -34.40
N ASN G 63 0.32 16.75 -34.43
CA ASN G 63 0.61 17.52 -35.62
C ASN G 63 2.06 18.00 -35.65
N THR G 64 2.86 17.44 -34.77
CA THR G 64 4.29 17.72 -34.65
C THR G 64 5.04 16.45 -34.97
N GLU G 65 6.34 16.53 -35.14
CA GLU G 65 7.05 15.29 -35.39
C GLU G 65 7.25 14.58 -34.07
N ASN G 66 7.40 13.27 -34.13
CA ASN G 66 7.57 12.46 -32.94
C ASN G 66 8.39 11.22 -33.28
N GLU G 67 8.62 10.38 -32.29
CA GLU G 67 9.34 9.12 -32.44
C GLU G 67 8.60 8.17 -33.36
N ASP G 68 7.28 8.22 -33.30
CA ASP G 68 6.42 7.38 -34.09
C ASP G 68 5.43 8.19 -34.95
N SER G 69 4.32 8.67 -34.36
CA SER G 69 3.26 9.38 -35.07
C SER G 69 2.60 8.48 -36.11
N ILE G 70 1.60 9.05 -36.76
CA ILE G 70 0.89 8.41 -37.85
C ILE G 70 1.21 9.11 -39.13
N LEU G 71 1.16 10.41 -39.07
CA LEU G 71 1.37 11.21 -40.24
C LEU G 71 2.71 11.93 -40.13
N ILE G 72 3.47 12.02 -41.25
CA ILE G 72 4.74 12.77 -41.31
C ILE G 72 4.65 13.99 -42.24
N TRP G 73 5.08 15.14 -41.72
CA TRP G 73 5.02 16.40 -42.45
C TRP G 73 6.20 16.64 -43.40
N GLU G 74 5.89 17.11 -44.60
CA GLU G 74 6.91 17.38 -45.60
C GLU G 74 6.52 18.55 -46.50
N LYS G 75 7.50 19.37 -46.85
CA LYS G 75 7.26 20.52 -47.71
C LYS G 75 8.56 21.01 -48.36
N TYR G 85 2.50 15.87 -49.62
CA TYR G 85 3.23 15.40 -48.45
C TYR G 85 2.30 14.58 -47.53
N TYR G 86 2.37 14.77 -46.21
CA TYR G 86 1.50 14.06 -45.25
C TYR G 86 1.48 12.56 -45.48
N PHE G 87 2.63 11.93 -45.37
CA PHE G 87 2.67 10.51 -45.68
C PHE G 87 2.19 9.73 -44.48
N ARG G 88 1.41 8.68 -44.72
CA ARG G 88 0.99 7.81 -43.62
C ARG G 88 2.06 6.80 -43.31
N LYS G 89 2.15 6.42 -42.06
CA LYS G 89 3.04 5.37 -41.61
C LYS G 89 2.26 4.11 -41.25
N GLU G 90 2.98 3.01 -41.12
CA GLU G 90 2.34 1.74 -40.78
C GLU G 90 2.15 1.61 -39.28
N ASN G 91 2.46 2.71 -38.57
CA ASN G 91 2.31 2.85 -37.12
C ASN G 91 0.85 2.89 -36.77
N ILE G 92 0.00 2.93 -37.79
CA ILE G 92 -1.42 2.83 -37.60
C ILE G 92 -1.71 1.53 -36.87
N ARG G 93 -0.93 0.47 -37.12
CA ARG G 93 -1.17 -0.77 -36.39
C ARG G 93 -0.92 -0.58 -34.89
N LYS G 94 0.05 0.26 -34.51
CA LYS G 94 0.33 0.47 -33.10
C LYS G 94 -0.82 1.23 -32.50
N PHE G 95 -1.34 2.22 -33.25
CA PHE G 95 -2.46 3.01 -32.79
C PHE G 95 -3.66 2.16 -32.50
N ILE G 96 -4.02 1.27 -33.42
CA ILE G 96 -5.20 0.47 -33.20
C ILE G 96 -5.02 -0.42 -31.98
N LYS G 97 -3.84 -1.02 -31.80
CA LYS G 97 -3.66 -1.87 -30.64
C LYS G 97 -3.70 -1.06 -29.33
N GLU G 98 -3.11 0.13 -29.30
CA GLU G 98 -3.12 0.93 -28.08
C GLU G 98 -4.54 1.38 -27.79
N LEU G 99 -5.29 1.69 -28.84
CA LEU G 99 -6.66 2.12 -28.70
C LEU G 99 -7.52 1.05 -28.07
N SER G 100 -7.41 -0.18 -28.52
CA SER G 100 -8.21 -1.25 -27.95
C SER G 100 -7.90 -1.45 -26.48
N LYS G 101 -6.62 -1.43 -26.14
CA LYS G 101 -6.27 -1.61 -24.75
C LYS G 101 -6.79 -0.49 -23.87
N GLU G 102 -6.68 0.76 -24.30
CA GLU G 102 -7.12 1.80 -23.40
C GLU G 102 -8.62 1.93 -23.27
N ILE G 103 -9.35 1.74 -24.36
CA ILE G 103 -10.78 1.93 -24.25
C ILE G 103 -11.44 0.77 -23.53
N TYR G 104 -11.07 -0.47 -23.85
CA TYR G 104 -11.73 -1.58 -23.21
C TYR G 104 -10.94 -2.28 -22.14
N ASN G 105 -9.73 -2.73 -22.42
CA ASN G 105 -9.07 -3.57 -21.39
C ASN G 105 -8.77 -2.85 -20.10
N GLU G 106 -8.45 -1.57 -20.18
CA GLU G 106 -8.14 -0.77 -19.01
C GLU G 106 -9.37 -0.06 -18.44
N GLY G 107 -10.52 -0.24 -19.08
CA GLY G 107 -11.77 0.36 -18.65
C GLY G 107 -11.93 1.86 -18.89
N CYS G 108 -11.14 2.49 -19.76
CA CYS G 108 -11.28 3.93 -19.90
C CYS G 108 -12.64 4.36 -20.40
N GLY G 109 -13.25 3.55 -21.27
CA GLY G 109 -14.51 3.86 -21.91
C GLY G 109 -15.63 4.24 -20.94
N ILE G 110 -15.55 3.81 -19.68
CA ILE G 110 -16.55 4.14 -18.68
C ILE G 110 -16.54 5.60 -18.25
N PHE G 111 -15.35 6.16 -18.11
CA PHE G 111 -15.18 7.47 -17.51
C PHE G 111 -14.97 8.59 -18.50
N MET G 112 -15.16 8.29 -19.75
CA MET G 112 -14.98 9.28 -20.78
C MET G 112 -16.30 9.57 -21.43
N SER G 113 -16.44 10.82 -21.87
CA SER G 113 -17.63 11.33 -22.48
C SER G 113 -17.91 10.79 -23.86
N LYS G 114 -19.16 10.96 -24.30
CA LYS G 114 -19.56 10.56 -25.62
C LYS G 114 -18.82 11.34 -26.68
N GLU G 115 -18.50 12.59 -26.40
CA GLU G 115 -17.79 13.38 -27.37
C GLU G 115 -16.38 12.85 -27.55
N ALA G 116 -15.71 12.47 -26.45
CA ALA G 116 -14.36 11.93 -26.61
C ALA G 116 -14.39 10.64 -27.40
N LEU G 117 -15.40 9.80 -27.16
CA LEU G 117 -15.48 8.54 -27.88
C LEU G 117 -15.81 8.75 -29.34
N SER G 118 -16.67 9.72 -29.65
CA SER G 118 -17.02 10.00 -31.02
C SER G 118 -15.81 10.46 -31.79
N LEU G 119 -15.00 11.36 -31.21
CA LEU G 119 -13.82 11.87 -31.87
C LEU G 119 -12.79 10.77 -32.11
N ILE G 120 -12.63 9.88 -31.15
CA ILE G 120 -11.69 8.80 -31.33
C ILE G 120 -12.18 7.86 -32.43
N SER G 121 -13.46 7.54 -32.42
CA SER G 121 -14.02 6.64 -33.42
C SER G 121 -13.84 7.20 -34.81
N GLU G 122 -14.11 8.49 -35.02
CA GLU G 122 -13.92 9.04 -36.35
C GLU G 122 -12.47 8.96 -36.76
N TYR G 123 -11.55 9.29 -35.86
CA TYR G 123 -10.14 9.25 -36.20
C TYR G 123 -9.78 7.84 -36.62
N ARG G 124 -10.22 6.86 -35.83
CA ARG G 124 -9.91 5.47 -36.11
C ARG G 124 -10.34 5.09 -37.49
N ASN G 125 -11.55 5.49 -37.87
CA ASN G 125 -12.01 5.13 -39.20
C ASN G 125 -11.21 5.79 -40.31
N ILE G 126 -10.68 6.99 -40.09
CA ILE G 126 -9.89 7.63 -41.13
C ILE G 126 -8.59 6.85 -41.35
N VAL G 127 -7.89 6.52 -40.27
CA VAL G 127 -6.62 5.81 -40.43
C VAL G 127 -6.81 4.35 -40.83
N TYR G 128 -7.86 3.74 -40.33
CA TYR G 128 -8.16 2.38 -40.64
C TYR G 128 -8.48 2.30 -42.13
N GLY G 129 -9.30 3.22 -42.61
CA GLY G 129 -9.67 3.27 -44.01
C GLY G 129 -8.44 3.36 -44.89
N PHE G 130 -7.49 4.18 -44.47
CA PHE G 130 -6.25 4.36 -45.22
C PHE G 130 -5.54 3.03 -45.41
N MET G 131 -5.44 2.27 -44.33
CA MET G 131 -4.77 0.97 -44.38
C MET G 131 -5.53 0.01 -45.28
N LEU G 132 -6.87 0.06 -45.24
CA LEU G 132 -7.67 -0.82 -46.08
C LEU G 132 -7.44 -0.50 -47.54
N SER G 133 -7.26 0.79 -47.87
CA SER G 133 -6.99 1.13 -49.26
C SER G 133 -5.61 0.66 -49.67
N ALA G 134 -4.63 0.73 -48.76
CA ALA G 134 -3.27 0.34 -49.09
C ALA G 134 -3.17 -1.11 -49.56
N GLN G 135 -3.91 -2.02 -48.92
CA GLN G 135 -3.86 -3.43 -49.37
C GLN G 135 -2.42 -3.90 -49.52
N ASN G 136 -2.00 -4.14 -50.76
CA ASN G 136 -0.66 -4.65 -51.05
C ASN G 136 0.25 -3.45 -51.06
N ASN G 137 0.43 -2.94 -49.86
CA ASN G 137 1.11 -1.71 -49.58
C ASN G 137 2.51 -1.70 -50.16
N PRO G 138 2.85 -0.77 -51.08
CA PRO G 138 4.14 -0.65 -51.72
C PRO G 138 5.15 0.02 -50.79
N GLN G 139 5.48 -0.69 -49.71
CA GLN G 139 6.36 -0.26 -48.64
C GLN G 139 5.67 0.76 -47.75
N GLU G 140 6.36 1.24 -46.73
CA GLU G 140 5.75 2.18 -45.80
C GLU G 140 5.85 3.58 -46.36
N THR G 141 5.32 4.56 -45.62
CA THR G 141 5.38 5.96 -46.02
C THR G 141 4.65 6.23 -47.34
N ILE G 142 3.32 6.27 -47.25
CA ILE G 142 2.48 6.49 -48.45
C ILE G 142 1.79 7.86 -48.47
N ARG G 143 1.97 8.59 -49.57
CA ARG G 143 1.45 9.96 -49.71
C ARG G 143 -0.05 10.04 -49.68
N ILE G 144 -0.57 11.11 -49.06
CA ILE G 144 -2.01 11.31 -49.05
C ILE G 144 -2.35 12.42 -50.00
N THR G 145 -3.18 12.12 -50.99
CA THR G 145 -3.51 13.11 -51.99
C THR G 145 -4.81 13.87 -51.72
N ASN G 146 -5.68 13.32 -50.87
CA ASN G 146 -6.92 14.02 -50.54
C ASN G 146 -6.75 14.73 -49.21
N ARG G 147 -6.54 16.03 -49.28
CA ARG G 147 -6.21 16.84 -48.11
C ARG G 147 -7.33 16.98 -47.11
N GLU G 148 -8.53 16.58 -47.46
CA GLU G 148 -9.62 16.68 -46.51
C GLU G 148 -9.36 15.76 -45.33
N SER G 149 -8.73 14.60 -45.58
CA SER G 149 -8.49 13.65 -44.50
C SER G 149 -7.42 14.20 -43.59
N VAL G 150 -6.46 14.89 -44.18
CA VAL G 150 -5.37 15.45 -43.42
C VAL G 150 -5.84 16.55 -42.50
N GLU G 151 -6.66 17.44 -43.04
CA GLU G 151 -7.16 18.53 -42.24
C GLU G 151 -8.13 18.02 -41.18
N ARG G 152 -8.92 16.99 -41.49
CA ARG G 152 -9.84 16.51 -40.49
C ARG G 152 -9.09 15.84 -39.35
N MET G 153 -8.03 15.08 -39.65
CA MET G 153 -7.28 14.46 -38.58
C MET G 153 -6.69 15.51 -37.65
N LYS G 154 -6.16 16.61 -38.21
CA LYS G 154 -5.61 17.64 -37.34
C LYS G 154 -6.68 18.27 -36.47
N LYS G 155 -7.87 18.50 -37.02
CA LYS G 155 -8.93 19.09 -36.23
C LYS G 155 -9.35 18.16 -35.11
N ILE G 156 -9.39 16.85 -35.39
CA ILE G 156 -9.75 15.92 -34.34
C ILE G 156 -8.70 15.98 -33.27
N HIS G 157 -7.42 16.01 -33.62
CA HIS G 157 -6.42 16.08 -32.58
C HIS G 157 -6.70 17.24 -31.64
N GLN G 158 -6.98 18.43 -32.19
CA GLN G 158 -7.22 19.55 -31.30
C GLN G 158 -8.48 19.38 -30.46
N ASN G 159 -9.55 18.86 -31.04
CA ASN G 159 -10.77 18.72 -30.27
C ASN G 159 -10.67 17.66 -29.20
N LEU G 160 -9.94 16.59 -29.50
CA LEU G 160 -9.78 15.49 -28.59
C LEU G 160 -8.85 15.87 -27.47
N SER G 161 -7.79 16.61 -27.78
CA SER G 161 -6.85 17.04 -26.77
C SER G 161 -7.56 17.91 -25.75
N ILE G 162 -8.43 18.81 -26.22
CA ILE G 162 -9.19 19.65 -25.31
C ILE G 162 -10.20 18.84 -24.53
N GLU G 163 -10.93 17.93 -25.16
CA GLU G 163 -11.94 17.17 -24.44
C GLU G 163 -11.32 16.31 -23.35
N ILE G 164 -10.14 15.74 -23.60
CA ILE G 164 -9.49 14.96 -22.55
C ILE G 164 -8.99 15.89 -21.48
N ARG G 165 -8.33 17.00 -21.84
CA ARG G 165 -7.79 17.92 -20.87
C ARG G 165 -8.82 18.51 -19.92
N GLN G 166 -10.02 18.76 -20.41
CA GLN G 166 -11.03 19.35 -19.56
C GLN G 166 -11.86 18.32 -18.79
N ALA G 167 -11.61 17.04 -19.01
CA ALA G 167 -12.40 15.98 -18.38
C ALA G 167 -12.30 15.99 -16.88
N ILE G 168 -11.17 16.46 -16.38
CA ILE G 168 -10.87 16.48 -14.97
C ILE G 168 -10.77 17.89 -14.43
N ASN G 169 -11.25 18.88 -15.20
CA ASN G 169 -11.09 20.29 -14.83
C ASN G 169 -12.38 21.01 -14.51
N LEU G 170 -13.38 20.31 -14.01
CA LEU G 170 -14.68 20.95 -13.75
C LEU G 170 -14.96 21.46 -12.32
N LYS G 171 -13.97 21.38 -11.40
CA LYS G 171 -14.06 21.80 -9.99
C LYS G 171 -12.99 22.86 -9.73
N ALA H 19 -34.13 35.90 8.09
CA ALA H 19 -32.78 35.69 7.62
C ALA H 19 -32.44 34.19 7.53
N ALA H 20 -33.47 33.36 7.66
CA ALA H 20 -33.29 31.92 7.60
C ALA H 20 -32.76 31.51 6.23
N TYR H 21 -33.31 32.13 5.18
CA TYR H 21 -32.87 31.83 3.82
C TYR H 21 -31.41 32.21 3.65
N VAL H 22 -31.03 33.36 4.20
CA VAL H 22 -29.66 33.83 4.12
C VAL H 22 -28.73 32.86 4.83
N ALA H 23 -29.16 32.35 5.98
CA ALA H 23 -28.37 31.40 6.74
C ALA H 23 -28.19 30.11 5.94
N TYR H 24 -29.26 29.68 5.28
CA TYR H 24 -29.25 28.49 4.44
C TYR H 24 -28.29 28.65 3.27
N TYR H 25 -28.23 29.86 2.69
CA TYR H 25 -27.37 30.12 1.54
C TYR H 25 -25.88 29.97 1.85
N TYR H 26 -25.40 30.72 2.83
CA TYR H 26 -23.99 30.69 3.20
C TYR H 26 -23.57 29.26 3.54
N ALA H 27 -24.43 28.54 4.27
CA ALA H 27 -24.12 27.17 4.63
C ALA H 27 -24.00 26.30 3.39
N ILE H 28 -24.91 26.45 2.43
CA ILE H 28 -24.82 25.64 1.22
C ILE H 28 -23.55 25.96 0.43
N LYS H 29 -23.18 27.24 0.39
CA LYS H 29 -21.97 27.67 -0.30
C LYS H 29 -20.74 27.06 0.36
N GLN H 30 -20.74 27.01 1.68
CA GLN H 30 -19.64 26.48 2.45
C GLN H 30 -19.52 24.96 2.33
N LEU H 31 -20.62 24.25 2.55
CA LEU H 31 -20.57 22.78 2.46
C LEU H 31 -20.19 22.31 1.06
N HIS H 32 -20.69 23.07 0.08
CA HIS H 32 -20.38 22.84 -1.33
C HIS H 32 -18.90 23.11 -1.52
N GLN H 33 -18.40 24.18 -0.87
CA GLN H 33 -16.99 24.45 -0.92
C GLN H 33 -16.22 23.32 -0.25
N LYS H 34 -16.71 22.69 0.83
CA LYS H 34 -16.00 21.55 1.41
C LYS H 34 -15.91 20.40 0.39
N SER H 35 -16.99 20.18 -0.34
CA SER H 35 -16.92 19.14 -1.37
C SER H 35 -15.87 19.50 -2.41
N VAL H 36 -15.79 20.78 -2.82
CA VAL H 36 -14.76 21.22 -3.77
C VAL H 36 -13.36 21.19 -3.16
N GLU H 37 -13.27 21.32 -1.86
CA GLU H 37 -12.03 21.20 -1.13
C GLU H 37 -11.53 19.79 -1.28
N ASN H 38 -12.40 18.77 -1.25
CA ASN H 38 -11.82 17.43 -1.45
C ASN H 38 -11.28 16.94 -2.84
N ILE H 39 -11.70 17.58 -3.93
CA ILE H 39 -11.28 17.36 -5.27
C ILE H 39 -10.08 18.22 -5.61
N GLU H 40 -10.08 19.51 -5.21
CA GLU H 40 -8.92 20.33 -5.48
C GLU H 40 -7.68 19.68 -4.91
N TYR H 41 -7.79 19.11 -3.71
CA TYR H 41 -6.68 18.39 -3.12
C TYR H 41 -6.21 17.25 -4.00
N ALA H 42 -7.15 16.39 -4.46
CA ALA H 42 -6.75 15.25 -5.29
C ALA H 42 -6.07 15.68 -6.56
N LYS H 43 -6.53 16.76 -7.17
CA LYS H 43 -5.86 17.19 -8.36
C LYS H 43 -4.49 17.70 -8.02
N TYR H 44 -4.35 18.46 -6.94
CA TYR H 44 -3.03 18.98 -6.57
C TYR H 44 -2.05 17.88 -6.44
N GLN H 45 -2.42 16.79 -5.75
CA GLN H 45 -1.45 15.74 -5.57
C GLN H 45 -1.01 15.16 -6.91
N ALA H 46 -1.94 15.03 -7.87
CA ALA H 46 -1.54 14.53 -9.19
C ALA H 46 -0.60 15.51 -9.90
N VAL H 47 -0.82 16.81 -9.72
CA VAL H 47 0.01 17.83 -10.33
C VAL H 47 1.40 17.77 -9.75
N LEU H 48 1.48 17.59 -8.46
CA LEU H 48 2.76 17.53 -7.79
C LEU H 48 3.58 16.39 -8.33
N GLN H 49 2.98 15.21 -8.53
CA GLN H 49 3.74 14.10 -9.08
C GLN H 49 4.11 14.33 -10.54
N ALA H 50 3.21 14.92 -11.33
CA ALA H 50 3.49 15.14 -12.74
C ALA H 50 4.67 16.06 -12.93
N HIS H 51 4.79 17.09 -12.10
CA HIS H 51 5.93 17.98 -12.22
C HIS H 51 7.18 17.41 -11.56
N LYS H 52 7.04 16.64 -10.49
CA LYS H 52 8.21 16.05 -9.86
C LYS H 52 8.98 15.20 -10.88
N SER H 53 8.24 14.48 -11.72
CA SER H 53 8.84 13.62 -12.73
C SER H 53 9.25 14.35 -14.00
N LEU H 54 8.87 15.62 -14.14
CA LEU H 54 9.20 16.36 -15.34
C LEU H 54 10.50 17.05 -15.14
N TYR H 55 10.74 17.51 -13.94
CA TYR H 55 11.92 18.28 -13.57
C TYR H 55 13.20 17.62 -14.03
N LYS H 56 13.32 16.30 -13.93
CA LYS H 56 14.56 15.63 -14.31
C LYS H 56 14.96 15.90 -15.76
N LEU H 57 14.00 16.25 -16.60
CA LEU H 57 14.22 16.50 -18.00
C LEU H 57 15.10 17.73 -18.18
N LEU H 58 15.10 18.60 -17.19
CA LEU H 58 15.84 19.84 -17.21
C LEU H 58 17.31 19.62 -17.14
N ARG H 59 17.78 18.44 -16.75
CA ARG H 59 19.22 18.32 -16.71
C ARG H 59 19.80 18.52 -18.10
N PHE H 60 19.05 18.23 -19.16
CA PHE H 60 19.53 18.36 -20.51
C PHE H 60 19.66 19.80 -20.94
N THR H 61 18.97 20.70 -20.27
CA THR H 61 18.90 22.08 -20.70
C THR H 61 19.79 22.95 -19.82
N THR H 62 20.53 22.34 -18.90
CA THR H 62 21.34 23.12 -17.98
C THR H 62 22.43 23.95 -18.62
N ASN H 63 22.75 25.06 -17.97
CA ASN H 63 23.80 25.96 -18.38
C ASN H 63 25.09 25.72 -17.61
N THR H 64 25.14 24.61 -16.90
CA THR H 64 26.28 24.18 -16.12
C THR H 64 26.79 22.89 -16.72
N GLU H 65 27.96 22.44 -16.32
CA GLU H 65 28.39 21.16 -16.86
C GLU H 65 27.68 20.06 -16.12
N ASN H 66 27.55 18.92 -16.77
CA ASN H 66 26.87 17.78 -16.21
C ASN H 66 27.44 16.49 -16.79
N GLU H 67 26.90 15.36 -16.36
CA GLU H 67 27.29 14.04 -16.83
C GLU H 67 27.00 13.87 -18.31
N ASP H 68 25.90 14.47 -18.74
CA ASP H 68 25.45 14.42 -20.11
C ASP H 68 25.29 15.82 -20.75
N SER H 69 24.20 16.51 -20.47
CA SER H 69 23.87 17.82 -21.07
C SER H 69 23.72 17.70 -22.58
N ILE H 70 23.38 18.82 -23.17
CA ILE H 70 23.26 18.97 -24.62
C ILE H 70 24.37 19.82 -25.12
N LEU H 71 24.58 20.92 -24.44
CA LEU H 71 25.57 21.87 -24.86
C LEU H 71 26.75 21.84 -23.88
N ILE H 72 27.98 21.93 -24.41
CA ILE H 72 29.20 22.02 -23.59
C ILE H 72 29.91 23.37 -23.73
N TRP H 73 30.23 23.98 -22.58
CA TRP H 73 30.87 25.30 -22.52
C TRP H 73 32.38 25.28 -22.68
N GLU H 74 32.89 26.21 -23.48
CA GLU H 74 34.32 26.31 -23.73
C GLU H 74 34.75 27.74 -23.98
N LYS H 75 35.92 28.11 -23.45
CA LYS H 75 36.44 29.46 -23.61
C LYS H 75 37.94 29.50 -23.35
N TYR H 85 33.49 26.04 -28.64
CA TYR H 85 32.53 27.04 -28.17
C TYR H 85 31.08 26.57 -28.38
N TYR H 86 30.41 26.34 -27.27
CA TYR H 86 29.04 25.82 -27.23
C TYR H 86 28.82 24.65 -28.17
N PHE H 87 29.55 23.58 -27.97
CA PHE H 87 29.44 22.49 -28.90
C PHE H 87 28.22 21.65 -28.56
N ARG H 88 27.50 21.21 -29.58
CA ARG H 88 26.38 20.31 -29.34
C ARG H 88 26.85 18.87 -29.20
N LYS H 89 26.15 18.12 -28.38
CA LYS H 89 26.39 16.70 -28.23
C LYS H 89 25.30 15.88 -28.89
N GLU H 90 25.56 14.60 -29.08
CA GLU H 90 24.59 13.72 -29.70
C GLU H 90 23.59 13.20 -28.68
N ASN H 91 23.69 13.74 -27.45
CA ASN H 91 22.81 13.46 -26.32
C ASN H 91 21.44 14.03 -26.60
N ILE H 92 21.32 14.78 -27.70
CA ILE H 92 20.05 15.26 -28.15
C ILE H 92 19.14 14.06 -28.35
N ARG H 93 19.67 12.91 -28.78
CA ARG H 93 18.81 11.75 -28.93
C ARG H 93 18.23 11.31 -27.58
N LYS H 94 18.98 11.45 -26.49
CA LYS H 94 18.49 11.05 -25.20
C LYS H 94 17.40 12.00 -24.78
N PHE H 95 17.60 13.29 -25.07
CA PHE H 95 16.62 14.30 -24.74
C PHE H 95 15.31 14.03 -25.41
N ILE H 96 15.32 13.75 -26.71
CA ILE H 96 14.07 13.54 -27.40
C ILE H 96 13.35 12.32 -26.84
N LYS H 97 14.08 11.23 -26.56
CA LYS H 97 13.40 10.07 -26.01
C LYS H 97 12.83 10.33 -24.62
N GLU H 98 13.56 11.05 -23.76
CA GLU H 98 13.05 11.32 -22.42
C GLU H 98 11.85 12.23 -22.51
N LEU H 99 11.88 13.17 -23.46
CA LEU H 99 10.79 14.09 -23.66
C LEU H 99 9.51 13.38 -24.04
N SER H 100 9.58 12.44 -24.98
CA SER H 100 8.39 11.72 -25.38
C SER H 100 7.79 10.94 -24.22
N LYS H 101 8.65 10.28 -23.46
CA LYS H 101 8.14 9.51 -22.35
C LYS H 101 7.48 10.40 -21.30
N GLU H 102 8.07 11.53 -20.96
CA GLU H 102 7.45 12.30 -19.90
C GLU H 102 6.20 13.03 -20.31
N ILE H 103 6.15 13.56 -21.53
CA ILE H 103 4.98 14.32 -21.90
C ILE H 103 3.80 13.40 -22.19
N TYR H 104 4.00 12.32 -22.93
CA TYR H 104 2.87 11.47 -23.25
C TYR H 104 2.78 10.19 -22.47
N ASN H 105 3.82 9.36 -22.46
CA ASN H 105 3.61 8.04 -21.84
C ASN H 105 3.30 8.08 -20.34
N GLU H 106 3.88 9.03 -19.65
CA GLU H 106 3.67 9.17 -18.21
C GLU H 106 2.52 10.13 -17.89
N GLY H 107 1.90 10.70 -18.92
CA GLY H 107 0.78 11.61 -18.76
C GLY H 107 1.10 13.01 -18.26
N CYS H 108 2.36 13.48 -18.30
CA CYS H 108 2.65 14.79 -17.73
C CYS H 108 1.90 15.90 -18.42
N GLY H 109 1.71 15.78 -19.73
CA GLY H 109 1.11 16.82 -20.56
C GLY H 109 -0.24 17.32 -20.04
N ILE H 110 -0.96 16.51 -19.27
CA ILE H 110 -2.25 16.90 -18.71
C ILE H 110 -2.15 17.98 -17.64
N PHE H 111 -1.15 17.87 -16.79
CA PHE H 111 -1.06 18.70 -15.59
C PHE H 111 -0.11 19.86 -15.70
N MET H 112 0.37 20.10 -16.90
CA MET H 112 1.29 21.18 -17.11
C MET H 112 0.64 22.23 -17.98
N SER H 113 1.03 23.47 -17.75
CA SER H 113 0.51 24.63 -18.42
C SER H 113 0.92 24.75 -19.86
N LYS H 114 0.19 25.60 -20.59
CA LYS H 114 0.51 25.86 -21.97
C LYS H 114 1.86 26.52 -22.11
N GLU H 115 2.24 27.34 -21.14
CA GLU H 115 3.51 28.00 -21.21
C GLU H 115 4.63 26.98 -21.08
N ALA H 116 4.50 26.02 -20.16
CA ALA H 116 5.55 25.02 -20.04
C ALA H 116 5.67 24.21 -21.31
N LEU H 117 4.54 23.88 -21.94
CA LEU H 117 4.60 23.10 -23.17
C LEU H 117 5.18 23.91 -24.31
N SER H 118 4.86 25.20 -24.39
CA SER H 118 5.39 26.03 -25.45
C SER H 118 6.90 26.13 -25.34
N LEU H 119 7.42 26.32 -24.12
CA LEU H 119 8.85 26.44 -23.92
C LEU H 119 9.58 25.15 -24.27
N ILE H 120 8.99 24.01 -23.91
CA ILE H 120 9.61 22.76 -24.24
C ILE H 120 9.61 22.55 -25.73
N SER H 121 8.49 22.85 -26.40
CA SER H 121 8.40 22.68 -27.83
C SER H 121 9.43 23.52 -28.57
N GLU H 122 9.60 24.78 -28.16
CA GLU H 122 10.61 25.59 -28.84
C GLU H 122 11.99 25.01 -28.64
N TYR H 123 12.30 24.58 -27.42
CA TYR H 123 13.62 24.03 -27.17
C TYR H 123 13.83 22.84 -28.07
N ARG H 124 12.83 21.94 -28.13
CA ARG H 124 12.93 20.74 -28.92
C ARG H 124 13.25 21.07 -30.35
N ASN H 125 12.59 22.07 -30.90
CA ASN H 125 12.85 22.40 -32.29
C ASN H 125 14.25 22.97 -32.50
N ILE H 126 14.82 23.65 -31.51
CA ILE H 126 16.17 24.17 -31.69
C ILE H 126 17.17 23.02 -31.76
N VAL H 127 17.07 22.07 -30.83
CA VAL H 127 18.04 20.97 -30.82
C VAL H 127 17.79 19.98 -31.93
N TYR H 128 16.52 19.76 -32.26
CA TYR H 128 16.15 18.87 -33.32
C TYR H 128 16.70 19.43 -34.62
N GLY H 129 16.50 20.72 -34.84
CA GLY H 129 16.98 21.37 -36.05
C GLY H 129 18.47 21.19 -36.20
N PHE H 130 19.20 21.33 -35.09
CA PHE H 130 20.64 21.17 -35.10
C PHE H 130 21.02 19.80 -35.65
N MET H 131 20.35 18.77 -35.16
CA MET H 131 20.63 17.40 -35.61
C MET H 131 20.30 17.23 -37.08
N LEU H 132 19.22 17.86 -37.54
CA LEU H 132 18.83 17.75 -38.94
C LEU H 132 19.89 18.40 -39.81
N SER H 133 20.49 19.49 -39.35
CA SER H 133 21.54 20.12 -40.14
C SER H 133 22.78 19.24 -40.16
N ALA H 134 23.09 18.57 -39.04
CA ALA H 134 24.29 17.75 -38.97
C ALA H 134 24.32 16.65 -40.03
N GLN H 135 23.16 16.00 -40.30
CA GLN H 135 23.15 14.95 -41.32
C GLN H 135 24.29 13.97 -41.13
N ASN H 136 25.26 13.99 -42.05
CA ASN H 136 26.38 13.06 -42.01
C ASN H 136 27.39 13.66 -41.06
N ASN H 137 26.99 13.62 -39.81
CA ASN H 137 27.66 14.25 -38.71
C ASN H 137 29.11 13.83 -38.61
N PRO H 138 30.08 14.75 -38.71
CA PRO H 138 31.50 14.48 -38.65
C PRO H 138 31.95 14.29 -37.21
N GLN H 139 31.48 13.20 -36.61
CA GLN H 139 31.71 12.83 -35.22
C GLN H 139 30.87 13.69 -34.28
N GLU H 140 30.98 13.44 -32.99
CA GLU H 140 30.19 14.20 -32.03
C GLU H 140 30.87 15.51 -31.72
N THR H 141 30.25 16.31 -30.87
CA THR H 141 30.83 17.59 -30.42
C THR H 141 31.01 18.57 -31.59
N ILE H 142 29.90 19.17 -32.02
CA ILE H 142 29.92 20.11 -33.15
C ILE H 142 29.67 21.57 -32.74
N ARG H 143 30.58 22.46 -33.15
CA ARG H 143 30.54 23.88 -32.77
C ARG H 143 29.32 24.61 -33.27
N ILE H 144 28.79 25.51 -32.46
CA ILE H 144 27.67 26.33 -32.91
C ILE H 144 28.16 27.72 -33.20
N THR H 145 27.96 28.16 -34.43
CA THR H 145 28.46 29.45 -34.84
C THR H 145 27.42 30.57 -34.75
N ASN H 146 26.13 30.23 -34.69
CA ASN H 146 25.10 31.26 -34.58
C ASN H 146 24.66 31.34 -33.12
N ARG H 147 25.16 32.36 -32.43
CA ARG H 147 24.95 32.49 -31.00
C ARG H 147 23.54 32.79 -30.58
N GLU H 148 22.67 33.11 -31.52
CA GLU H 148 21.30 33.37 -31.15
C GLU H 148 20.66 32.10 -30.61
N SER H 149 21.05 30.93 -31.16
CA SER H 149 20.45 29.68 -30.70
C SER H 149 20.93 29.37 -29.31
N VAL H 150 22.19 29.70 -29.04
CA VAL H 150 22.78 29.43 -27.75
C VAL H 150 22.13 30.27 -26.68
N GLU H 151 21.96 31.56 -26.95
CA GLU H 151 21.36 32.41 -25.97
C GLU H 151 19.88 32.07 -25.79
N ARG H 152 19.18 31.67 -26.85
CA ARG H 152 17.79 31.35 -26.68
C ARG H 152 17.63 30.09 -25.86
N MET H 153 18.49 29.09 -26.06
CA MET H 153 18.36 27.89 -25.26
C MET H 153 18.57 28.19 -23.79
N LYS H 154 19.53 29.06 -23.46
CA LYS H 154 19.73 29.39 -22.05
C LYS H 154 18.53 30.10 -21.47
N LYS H 155 17.91 31.01 -22.24
CA LYS H 155 16.76 31.71 -21.73
C LYS H 155 15.60 30.76 -21.51
N ILE H 156 15.44 29.78 -22.40
CA ILE H 156 14.37 28.82 -22.20
C ILE H 156 14.65 28.05 -20.94
N HIS H 157 15.88 27.62 -20.71
CA HIS H 157 16.14 26.90 -19.47
C HIS H 157 15.65 27.69 -18.28
N GLN H 158 15.97 28.98 -18.20
CA GLN H 158 15.55 29.74 -17.05
C GLN H 158 14.04 29.87 -16.96
N ASN H 159 13.36 30.11 -18.10
CA ASN H 159 11.93 30.29 -18.04
C ASN H 159 11.20 28.99 -17.72
N LEU H 160 11.72 27.88 -18.20
CA LEU H 160 11.11 26.60 -17.99
C LEU H 160 11.34 26.14 -16.58
N SER H 161 12.52 26.38 -16.04
CA SER H 161 12.82 26.00 -14.68
C SER H 161 11.88 26.70 -13.73
N ILE H 162 11.63 27.99 -13.97
CA ILE H 162 10.71 28.74 -13.14
C ILE H 162 9.28 28.25 -13.32
N GLU H 163 8.84 28.02 -14.56
CA GLU H 163 7.46 27.60 -14.78
C GLU H 163 7.18 26.26 -14.13
N ILE H 164 8.14 25.33 -14.16
CA ILE H 164 7.94 24.05 -13.50
C ILE H 164 7.95 24.26 -12.00
N ARG H 165 8.91 25.01 -11.47
CA ARG H 165 9.04 25.23 -10.04
C ARG H 165 7.80 25.86 -9.41
N GLN H 166 7.15 26.77 -10.12
CA GLN H 166 6.00 27.43 -9.56
C GLN H 166 4.69 26.68 -9.80
N ALA H 167 4.73 25.58 -10.53
CA ALA H 167 3.51 24.84 -10.89
C ALA H 167 2.79 24.32 -9.68
N ILE H 168 3.52 24.04 -8.62
CA ILE H 168 3.00 23.47 -7.41
C ILE H 168 3.10 24.43 -6.24
N ASN H 169 3.35 25.71 -6.51
CA ASN H 169 3.57 26.70 -5.46
C ASN H 169 2.51 27.77 -5.35
N LEU H 170 1.28 27.47 -5.70
CA LEU H 170 0.22 28.49 -5.67
C LEU H 170 -0.68 28.58 -4.42
N LYS H 171 -0.39 27.77 -3.36
CA LYS H 171 -1.14 27.71 -2.10
C LYS H 171 -0.19 28.02 -0.94
#